data_1SIJ
#
_entry.id   1SIJ
#
_cell.length_a   142.780
_cell.length_b   142.780
_cell.length_c   161.577
_cell.angle_alpha   90.00
_cell.angle_beta   90.00
_cell.angle_gamma   120.00
#
_symmetry.space_group_name_H-M   'P 61 2 2'
#
loop_
_entity.id
_entity.type
_entity.pdbx_description
1 polymer 'Aldehyde oxidoreductase'
2 non-polymer 'CHLORIDE ION'
3 non-polymer 'MAGNESIUM ION'
4 non-polymer '(MOLYBDOPTERIN-CYTOSINE DINUCLEOTIDE-S,S)-DIOXO-AQUA-MOLYBDENUM(V)'
5 non-polymer ARSENITE
6 non-polymer 'FE2/S2 (INORGANIC) CLUSTER'
7 water water
#
_entity_poly.entity_id   1
_entity_poly.type   'polypeptide(L)'
_entity_poly.pdbx_seq_one_letter_code
;MIQKVITVNGIEQNLFVDAEALLSDVLRQQLGLTGVKVGCEQGQCGACSVILDGKVVRACVTKMKRVADGAQITTIEGVG
QPENLHPLQKAWVLHGGAQCGFCSPGFIVSAKGLLDTNADPSREDVRDWFQKHRNACRCTGYKPLVDAVMDAAAVINGKK
PETDLEFKMPADGRIWGSKYPRPTAVAKVTGTLDYGADLGLKMPAGTLHLAMVQAKVSHANIKGIDTSEALTMPGVHSVI
THKDVKGKNRITGLITFPTNKGDGWDRPILCDEKVFQYGDCIALVCADSEANARAAAEKVKVDLEELPAYMSGPAAAAED
AIEIHPGTPNVYFEQPIVKGEDTGPIFASADVTVEGDFYVGRQPHMPIEPDVAFAYMGDDGKCYIHSKSIGVHLHLYMIA
PGVGLEPDQLVLVANPMGGTFGYKFSPTSEALVAVAAMATGRPVHLRYNYQQQQQYTGKRSPWEMNVKFAAKKDGTLLAM
ESDWLVDHGPYSEFGDLLTLRGAQFIGAGYNIPNIRGLGRTVATNHVWGSAFRGYGAPQSMFASECLMDMLAEKLGMDPL
ELRYKNAYRPGDTNPTGQEPEVFSLPDMIDQLRPKYQAALEKAQKESTATHKKGVGISIGVYGSGLDGPDASEAWAELNA
DGTITVHTAWEDHGQGADIGCVGTAHEALRPMGVAPEKIKFTWPNTATTPNSGPSGGSRQQVMTGNAIRVACENLLKACE
KPGGGYYTYDELKAADKPTKITGNWTASGATHCDAVTGLGKPFVVYMYGVFMAEVTVDVATGQTTVDGMTLMADLGSLCN
QLATDGQIYGGLAQGIGLALSEDFEDIKKHATLVGAGFPFIKQIPDKLDIVYVNHPRPDGPFGASGVGELPLTSPHAAII
NAIKSATGVRIYRLPAYPEKVLEALKA
;
_entity_poly.pdbx_strand_id   A
#
loop_
_chem_comp.id
_chem_comp.type
_chem_comp.name
_chem_comp.formula
AST non-polymer ARSENITE 'As O3 -3'
CL non-polymer 'CHLORIDE ION' 'Cl -1'
FES non-polymer 'FE2/S2 (INORGANIC) CLUSTER' 'Fe2 S2'
MG non-polymer 'MAGNESIUM ION' 'Mg 2'
PCD non-polymer '(MOLYBDOPTERIN-CYTOSINE DINUCLEOTIDE-S,S)-DIOXO-AQUA-MOLYBDENUM(V)' 'C19 H26 Mo N8 O16 P2 S2'
#
# COMPACT_ATOMS: atom_id res chain seq x y z
N MET A 1 -40.72 -10.20 9.84
CA MET A 1 -40.51 -9.65 8.47
C MET A 1 -41.53 -8.55 8.17
N ILE A 2 -41.12 -7.57 7.40
CA ILE A 2 -42.02 -6.47 6.99
C ILE A 2 -41.88 -6.18 5.50
N GLN A 3 -43.00 -5.78 4.89
CA GLN A 3 -43.00 -5.30 3.53
C GLN A 3 -42.77 -3.81 3.57
N LYS A 4 -41.80 -3.35 2.80
CA LYS A 4 -41.52 -1.93 2.67
C LYS A 4 -41.49 -1.55 1.20
N VAL A 5 -42.49 -0.81 0.75
CA VAL A 5 -42.54 -0.32 -0.62
C VAL A 5 -41.83 1.02 -0.71
N ILE A 6 -40.65 1.02 -1.31
CA ILE A 6 -39.81 2.22 -1.37
C ILE A 6 -39.31 2.47 -2.79
N THR A 7 -38.55 3.55 -2.96
CA THR A 7 -37.92 3.84 -4.24
C THR A 7 -36.40 3.73 -4.12
N VAL A 8 -35.81 2.89 -4.97
CA VAL A 8 -34.35 2.70 -5.02
C VAL A 8 -33.85 3.08 -6.40
N ASN A 9 -33.02 4.12 -6.46
CA ASN A 9 -32.48 4.62 -7.74
C ASN A 9 -33.56 4.96 -8.77
N GLY A 10 -34.66 5.55 -8.30
CA GLY A 10 -35.77 5.94 -9.16
C GLY A 10 -36.74 4.82 -9.51
N ILE A 11 -36.48 3.60 -9.03
CA ILE A 11 -37.35 2.46 -9.32
C ILE A 11 -38.04 1.96 -8.06
N GLU A 12 -39.36 1.80 -8.14
CA GLU A 12 -40.13 1.29 -7.02
C GLU A 12 -39.72 -0.15 -6.70
N GLN A 13 -39.33 -0.36 -5.46
CA GLN A 13 -38.95 -1.69 -5.01
C GLN A 13 -39.92 -2.18 -3.97
N ASN A 14 -40.41 -3.40 -4.18
CA ASN A 14 -41.26 -4.09 -3.22
C ASN A 14 -40.40 -4.95 -2.29
N LEU A 15 -39.92 -4.33 -1.22
CA LEU A 15 -38.92 -4.94 -0.35
C LEU A 15 -39.51 -5.79 0.75
N PHE A 16 -38.89 -6.94 0.99
CA PHE A 16 -39.28 -7.81 2.07
C PHE A 16 -38.04 -8.07 2.91
N VAL A 17 -38.06 -7.54 4.13
CA VAL A 17 -36.86 -7.41 4.96
C VAL A 17 -37.11 -7.69 6.43
N ASP A 18 -36.04 -8.08 7.13
CA ASP A 18 -36.01 -8.06 8.59
C ASP A 18 -35.82 -6.61 9.00
N ALA A 19 -36.67 -6.13 9.91
CA ALA A 19 -36.56 -4.77 10.43
C ALA A 19 -35.18 -4.48 11.06
N GLU A 20 -34.54 -5.53 11.58
CA GLU A 20 -33.23 -5.44 12.22
C GLU A 20 -32.08 -5.50 11.21
N ALA A 21 -32.40 -5.82 9.96
CA ALA A 21 -31.38 -6.01 8.93
C ALA A 21 -30.68 -4.70 8.57
N LEU A 22 -29.42 -4.81 8.22
CA LEU A 22 -28.63 -3.65 7.80
C LEU A 22 -28.97 -3.27 6.37
N LEU A 23 -29.07 -1.96 6.10
CA LEU A 23 -29.38 -1.49 4.75
C LEU A 23 -28.31 -1.94 3.77
N SER A 24 -27.06 -1.98 4.23
CA SER A 24 -25.93 -2.40 3.40
C SER A 24 -26.13 -3.83 2.92
N ASP A 25 -26.52 -4.72 3.83
CA ASP A 25 -26.81 -6.12 3.50
C ASP A 25 -27.97 -6.26 2.52
N VAL A 26 -29.01 -5.47 2.75
CA VAL A 26 -30.22 -5.52 1.95
C VAL A 26 -29.91 -5.10 0.52
N LEU A 27 -29.29 -3.93 0.38
CA LEU A 27 -28.92 -3.40 -0.91
C LEU A 27 -27.97 -4.33 -1.69
N ARG A 28 -26.96 -4.86 -0.99
CA ARG A 28 -25.93 -5.68 -1.63
C ARG A 28 -26.44 -7.07 -1.98
N GLN A 29 -27.04 -7.75 -1.00
CA GLN A 29 -27.39 -9.17 -1.13
C GLN A 29 -28.76 -9.40 -1.75
N GLN A 30 -29.79 -8.77 -1.19
CA GLN A 30 -31.14 -8.92 -1.68
C GLN A 30 -31.37 -8.22 -3.02
N LEU A 31 -30.78 -7.03 -3.19
CA LEU A 31 -31.00 -6.24 -4.41
C LEU A 31 -29.84 -6.28 -5.40
N GLY A 32 -28.73 -6.87 -5.00
CA GLY A 32 -27.57 -7.03 -5.89
C GLY A 32 -26.81 -5.75 -6.17
N LEU A 33 -27.03 -4.71 -5.37
CA LEU A 33 -26.37 -3.44 -5.60
C LEU A 33 -24.99 -3.42 -4.92
N THR A 34 -24.05 -4.13 -5.53
CA THR A 34 -22.70 -4.29 -4.97
C THR A 34 -21.85 -3.03 -5.15
N GLY A 35 -22.42 -2.02 -5.78
CA GLY A 35 -21.81 -0.70 -5.84
C GLY A 35 -21.82 -0.02 -4.49
N VAL A 36 -22.63 -0.55 -3.57
CA VAL A 36 -22.56 -0.13 -2.18
C VAL A 36 -21.43 -0.93 -1.54
N LYS A 37 -20.28 -0.29 -1.37
CA LYS A 37 -19.08 -0.97 -0.88
C LYS A 37 -19.04 -0.96 0.62
N VAL A 38 -18.62 -2.09 1.19
CA VAL A 38 -18.58 -2.27 2.62
C VAL A 38 -17.15 -2.60 3.04
N GLY A 39 -16.62 -1.79 3.94
CA GLY A 39 -15.29 -1.99 4.46
C GLY A 39 -15.28 -2.25 5.95
N CYS A 40 -15.31 -1.18 6.75
CA CYS A 40 -15.16 -1.28 8.20
C CYS A 40 -16.35 -1.92 8.91
N GLU A 41 -17.53 -1.86 8.29
CA GLU A 41 -18.80 -2.34 8.88
C GLU A 41 -19.13 -1.71 10.23
N GLN A 42 -18.53 -0.57 10.54
CA GLN A 42 -18.75 0.08 11.85
C GLN A 42 -19.01 1.60 11.75
N GLY A 43 -19.47 2.04 10.58
CA GLY A 43 -19.86 3.44 10.38
C GLY A 43 -18.71 4.42 10.38
N GLN A 44 -17.50 3.94 10.12
CA GLN A 44 -16.32 4.78 10.29
C GLN A 44 -15.63 5.20 8.98
N CYS A 45 -16.00 4.58 7.86
CA CYS A 45 -15.25 4.78 6.62
C CYS A 45 -16.03 5.43 5.47
N GLY A 46 -17.37 5.37 5.53
CA GLY A 46 -18.22 6.00 4.52
C GLY A 46 -18.30 5.31 3.15
N ALA A 47 -17.67 4.16 3.00
CA ALA A 47 -17.68 3.43 1.73
C ALA A 47 -19.09 3.02 1.32
N CYS A 48 -19.94 2.82 2.34
CA CYS A 48 -21.32 2.40 2.16
C CYS A 48 -22.31 3.56 2.16
N SER A 49 -21.80 4.78 1.91
CA SER A 49 -22.66 5.96 1.86
C SER A 49 -23.76 5.80 0.84
N VAL A 50 -24.99 5.99 1.28
CA VAL A 50 -26.14 6.06 0.38
C VAL A 50 -26.95 7.32 0.73
N ILE A 51 -27.79 7.77 -0.20
CA ILE A 51 -28.72 8.86 0.10
C ILE A 51 -30.08 8.30 0.49
N LEU A 52 -30.50 8.60 1.72
CA LEU A 52 -31.84 8.25 2.20
C LEU A 52 -32.62 9.54 2.45
N ASP A 53 -33.71 9.71 1.70
CA ASP A 53 -34.55 10.92 1.76
C ASP A 53 -33.74 12.21 1.91
N GLY A 54 -32.80 12.41 1.00
CA GLY A 54 -32.02 13.64 0.97
C GLY A 54 -30.88 13.74 1.97
N LYS A 55 -30.67 12.69 2.78
CA LYS A 55 -29.56 12.69 3.73
C LYS A 55 -28.56 11.60 3.38
N VAL A 56 -27.27 11.88 3.59
CA VAL A 56 -26.22 10.89 3.40
C VAL A 56 -26.07 10.07 4.68
N VAL A 57 -26.35 8.78 4.56
CA VAL A 57 -26.19 7.86 5.69
C VAL A 57 -25.24 6.73 5.34
N ARG A 58 -24.70 6.10 6.38
CA ARG A 58 -23.90 4.89 6.20
C ARG A 58 -24.80 3.67 6.33
N ALA A 59 -24.99 3.00 5.20
CA ALA A 59 -25.91 1.86 5.09
C ALA A 59 -25.55 0.70 6.02
N CYS A 60 -24.29 0.63 6.45
CA CYS A 60 -23.83 -0.46 7.31
C CYS A 60 -24.27 -0.33 8.78
N VAL A 61 -24.70 0.87 9.18
CA VAL A 61 -25.24 1.11 10.51
C VAL A 61 -26.66 1.69 10.44
N THR A 62 -27.32 1.52 9.29
CA THR A 62 -28.70 1.94 9.13
C THR A 62 -29.58 0.69 9.07
N LYS A 63 -30.37 0.47 10.12
CA LYS A 63 -31.29 -0.66 10.16
C LYS A 63 -32.57 -0.35 9.39
N MET A 64 -33.18 -1.39 8.84
CA MET A 64 -34.32 -1.24 7.94
C MET A 64 -35.54 -0.56 8.60
N LYS A 65 -35.64 -0.66 9.92
CA LYS A 65 -36.71 0.02 10.64
C LYS A 65 -36.61 1.55 10.53
N ARG A 66 -35.41 2.04 10.25
CA ARG A 66 -35.21 3.47 10.06
C ARG A 66 -35.53 3.91 8.64
N VAL A 67 -35.84 2.93 7.79
CA VAL A 67 -36.25 3.22 6.41
C VAL A 67 -37.77 3.21 6.37
N ALA A 68 -38.35 4.39 6.16
CA ALA A 68 -39.79 4.53 6.15
C ALA A 68 -40.39 4.03 4.84
N ASP A 69 -41.68 3.68 4.91
CA ASP A 69 -42.47 3.35 3.73
C ASP A 69 -42.46 4.54 2.78
N GLY A 70 -42.15 4.29 1.51
CA GLY A 70 -42.11 5.34 0.50
C GLY A 70 -40.83 6.17 0.53
N ALA A 71 -39.82 5.68 1.26
CA ALA A 71 -38.50 6.31 1.32
C ALA A 71 -37.83 6.32 -0.06
N GLN A 72 -36.90 7.25 -0.25
CA GLN A 72 -36.16 7.33 -1.50
C GLN A 72 -34.69 7.07 -1.23
N ILE A 73 -34.13 6.05 -1.88
CA ILE A 73 -32.72 5.71 -1.72
C ILE A 73 -32.00 5.88 -3.04
N THR A 74 -30.80 6.46 -2.97
CA THR A 74 -29.91 6.56 -4.11
C THR A 74 -28.58 5.90 -3.75
N THR A 75 -28.15 4.94 -4.57
CA THR A 75 -26.80 4.34 -4.45
C THR A 75 -25.99 4.80 -5.66
N ILE A 76 -24.74 4.35 -5.77
CA ILE A 76 -23.90 4.74 -6.92
C ILE A 76 -24.53 4.37 -8.26
N GLU A 77 -25.23 3.23 -8.31
CA GLU A 77 -25.90 2.76 -9.53
C GLU A 77 -26.96 3.74 -10.02
N GLY A 78 -27.53 4.52 -9.09
CA GLY A 78 -28.52 5.53 -9.42
C GLY A 78 -27.96 6.90 -9.74
N VAL A 79 -26.71 7.15 -9.36
CA VAL A 79 -26.02 8.37 -9.70
C VAL A 79 -25.69 8.40 -11.20
N GLY A 80 -25.26 7.26 -11.73
CA GLY A 80 -24.90 7.13 -13.13
C GLY A 80 -24.27 5.78 -13.47
N GLN A 81 -24.28 5.45 -14.75
CA GLN A 81 -23.82 4.15 -15.25
C GLN A 81 -22.81 4.42 -16.38
N PRO A 82 -22.02 3.42 -16.77
CA PRO A 82 -20.96 3.62 -17.77
C PRO A 82 -21.34 4.40 -19.04
N GLU A 83 -22.55 4.23 -19.56
CA GLU A 83 -22.95 4.98 -20.76
C GLU A 83 -23.70 6.29 -20.44
N ASN A 84 -23.84 6.57 -19.14
CA ASN A 84 -24.65 7.67 -18.63
C ASN A 84 -24.02 8.22 -17.35
N LEU A 85 -22.79 8.72 -17.48
CA LEU A 85 -22.03 9.22 -16.33
C LEU A 85 -22.55 10.56 -15.82
N HIS A 86 -22.65 10.67 -14.50
CA HIS A 86 -22.95 11.92 -13.81
C HIS A 86 -21.70 12.80 -13.87
N PRO A 87 -21.88 14.13 -13.91
CA PRO A 87 -20.74 15.05 -13.81
C PRO A 87 -19.74 14.70 -12.69
N LEU A 88 -20.21 14.18 -11.56
CA LEU A 88 -19.30 13.79 -10.47
C LEU A 88 -18.44 12.59 -10.82
N GLN A 89 -18.99 11.67 -11.61
CA GLN A 89 -18.27 10.49 -12.06
C GLN A 89 -17.27 10.82 -13.17
N LYS A 90 -17.66 11.73 -14.06
CA LYS A 90 -16.78 12.24 -15.10
C LYS A 90 -15.61 12.99 -14.48
N ALA A 91 -15.91 13.83 -13.49
CA ALA A 91 -14.89 14.62 -12.78
C ALA A 91 -13.88 13.76 -12.02
N TRP A 92 -14.35 12.69 -11.39
CA TRP A 92 -13.50 11.71 -10.70
C TRP A 92 -12.48 11.07 -11.65
N VAL A 93 -12.97 10.66 -12.82
CA VAL A 93 -12.16 10.03 -13.85
C VAL A 93 -11.08 10.99 -14.33
N LEU A 94 -11.47 12.23 -14.65
CA LEU A 94 -10.58 13.25 -15.19
C LEU A 94 -9.50 13.65 -14.18
N HIS A 95 -9.86 13.69 -12.90
CA HIS A 95 -8.94 14.11 -11.85
C HIS A 95 -8.22 12.96 -11.17
N GLY A 96 -8.47 11.74 -11.65
CA GLY A 96 -7.78 10.56 -11.15
C GLY A 96 -8.11 10.18 -9.72
N GLY A 97 -9.34 10.49 -9.30
CA GLY A 97 -9.83 10.20 -7.96
C GLY A 97 -9.99 8.73 -7.62
N ALA A 98 -10.18 7.88 -8.63
CA ALA A 98 -10.22 6.45 -8.43
C ALA A 98 -8.83 5.85 -8.60
N GLN A 99 -8.20 5.53 -7.49
CA GLN A 99 -6.96 4.77 -7.53
C GLN A 99 -7.36 3.30 -7.38
N CYS A 100 -7.44 2.80 -6.16
CA CYS A 100 -8.02 1.47 -5.94
C CYS A 100 -9.52 1.48 -6.21
N GLY A 101 -10.15 2.64 -5.99
CA GLY A 101 -11.53 2.87 -6.34
C GLY A 101 -12.56 2.34 -5.37
N PHE A 102 -12.11 1.78 -4.26
CA PHE A 102 -13.04 1.18 -3.30
C PHE A 102 -13.92 2.22 -2.61
N CYS A 103 -13.39 3.42 -2.42
CA CYS A 103 -14.08 4.51 -1.72
C CYS A 103 -14.87 5.39 -2.67
N SER A 104 -14.62 5.21 -3.96
CA SER A 104 -15.18 6.08 -4.99
C SER A 104 -16.72 6.17 -4.98
N PRO A 105 -17.45 5.04 -4.97
CA PRO A 105 -18.91 5.09 -4.90
C PRO A 105 -19.44 5.89 -3.71
N GLY A 106 -18.95 5.59 -2.51
CA GLY A 106 -19.32 6.32 -1.31
C GLY A 106 -19.03 7.81 -1.38
N PHE A 107 -17.84 8.16 -1.88
CA PHE A 107 -17.43 9.55 -2.01
C PHE A 107 -18.33 10.31 -2.98
N ILE A 108 -18.59 9.70 -4.13
CA ILE A 108 -19.44 10.31 -5.16
C ILE A 108 -20.89 10.45 -4.68
N VAL A 109 -21.41 9.41 -4.05
CA VAL A 109 -22.75 9.47 -3.48
C VAL A 109 -22.84 10.57 -2.41
N SER A 110 -21.86 10.58 -1.51
CA SER A 110 -21.78 11.61 -0.47
C SER A 110 -21.69 13.02 -1.07
N ALA A 111 -20.85 13.18 -2.08
CA ALA A 111 -20.68 14.46 -2.76
C ALA A 111 -21.97 14.93 -3.44
N LYS A 112 -22.79 13.98 -3.90
CA LYS A 112 -24.06 14.30 -4.53
C LYS A 112 -25.04 14.85 -3.50
N GLY A 113 -25.03 14.25 -2.31
CA GLY A 113 -25.77 14.78 -1.17
C GLY A 113 -25.31 16.20 -0.83
N LEU A 114 -24.00 16.45 -0.88
CA LEU A 114 -23.44 17.78 -0.66
C LEU A 114 -23.98 18.81 -1.67
N LEU A 115 -23.88 18.47 -2.96
CA LEU A 115 -24.25 19.42 -4.02
C LEU A 115 -25.75 19.68 -4.09
N ASP A 116 -26.55 18.72 -3.62
CA ASP A 116 -28.00 18.88 -3.54
C ASP A 116 -28.42 19.84 -2.41
N THR A 117 -27.52 20.13 -1.47
CA THR A 117 -27.82 21.03 -0.35
C THR A 117 -26.98 22.32 -0.38
N ASN A 118 -25.76 22.20 -0.90
CA ASN A 118 -24.88 23.34 -1.15
C ASN A 118 -24.31 23.27 -2.56
N ALA A 119 -24.97 23.95 -3.49
CA ALA A 119 -24.65 23.88 -4.92
C ALA A 119 -23.28 24.45 -5.29
N ASP A 120 -22.81 25.46 -4.56
CA ASP A 120 -21.55 26.12 -4.90
C ASP A 120 -20.61 26.18 -3.69
N PRO A 121 -20.15 25.02 -3.24
CA PRO A 121 -19.34 24.93 -2.02
C PRO A 121 -17.91 25.42 -2.21
N SER A 122 -17.32 25.94 -1.15
CA SER A 122 -15.90 26.23 -1.11
C SER A 122 -15.15 24.91 -0.93
N ARG A 123 -13.84 24.92 -1.11
CA ARG A 123 -13.00 23.75 -0.85
C ARG A 123 -13.13 23.30 0.60
N GLU A 124 -13.23 24.26 1.51
CA GLU A 124 -13.39 23.97 2.94
C GLU A 124 -14.75 23.32 3.24
N ASP A 125 -15.81 23.81 2.58
CA ASP A 125 -17.13 23.18 2.67
C ASP A 125 -17.04 21.69 2.29
N VAL A 126 -16.38 21.39 1.17
CA VAL A 126 -16.20 20.02 0.69
C VAL A 126 -15.52 19.16 1.75
N ARG A 127 -14.38 19.64 2.26
CA ARG A 127 -13.65 18.97 3.34
C ARG A 127 -14.51 18.77 4.59
N ASP A 128 -15.20 19.83 5.03
CA ASP A 128 -16.14 19.76 6.15
C ASP A 128 -17.17 18.66 5.97
N TRP A 129 -17.73 18.57 4.76
CA TRP A 129 -18.74 17.57 4.45
C TRP A 129 -18.21 16.14 4.49
N PHE A 130 -17.05 15.90 3.86
CA PHE A 130 -16.44 14.57 3.86
C PHE A 130 -15.98 14.15 5.25
N GLN A 131 -15.61 15.12 6.08
CA GLN A 131 -15.26 14.86 7.48
C GLN A 131 -16.48 14.46 8.29
N LYS A 132 -17.55 15.23 8.15
CA LYS A 132 -18.78 14.98 8.89
C LYS A 132 -19.33 13.61 8.52
N HIS A 133 -19.31 13.28 7.23
CA HIS A 133 -19.89 12.04 6.74
C HIS A 133 -18.89 10.89 6.70
N ARG A 134 -17.68 11.15 7.22
CA ARG A 134 -16.67 10.15 7.50
C ARG A 134 -16.18 9.37 6.27
N ASN A 135 -16.13 10.04 5.13
CA ASN A 135 -15.61 9.45 3.91
C ASN A 135 -14.09 9.35 3.96
N ALA A 136 -13.61 8.12 4.10
CA ALA A 136 -12.19 7.84 4.24
C ALA A 136 -11.61 7.36 2.93
N CYS A 137 -10.38 7.77 2.64
CA CYS A 137 -9.63 7.28 1.48
C CYS A 137 -8.19 7.07 1.89
N ARG A 138 -7.62 5.92 1.50
CA ARG A 138 -6.25 5.58 1.87
C ARG A 138 -5.27 5.76 0.71
N CYS A 139 -5.81 6.00 -0.49
CA CYS A 139 -5.01 6.06 -1.71
C CYS A 139 -4.57 7.46 -2.14
N THR A 140 -5.48 8.43 -2.05
CA THR A 140 -5.34 9.70 -2.81
C THR A 140 -4.91 10.94 -2.03
N GLY A 141 -4.97 10.88 -0.70
CA GLY A 141 -4.74 12.06 0.12
C GLY A 141 -5.79 13.15 -0.05
N TYR A 142 -6.97 12.76 -0.55
CA TYR A 142 -8.18 13.60 -0.59
C TYR A 142 -8.22 14.77 -1.60
N LYS A 143 -7.07 15.39 -1.85
CA LYS A 143 -6.99 16.55 -2.74
C LYS A 143 -7.64 16.36 -4.13
N PRO A 144 -7.32 15.27 -4.83
CA PRO A 144 -7.93 15.00 -6.15
C PRO A 144 -9.44 14.83 -6.05
N LEU A 145 -9.93 14.33 -4.92
CA LEU A 145 -11.36 14.13 -4.71
C LEU A 145 -12.08 15.48 -4.56
N VAL A 146 -11.48 16.37 -3.77
CA VAL A 146 -11.99 17.74 -3.66
C VAL A 146 -11.91 18.45 -5.01
N ASP A 147 -10.77 18.33 -5.69
CA ASP A 147 -10.64 18.81 -7.08
C ASP A 147 -11.81 18.37 -7.95
N ALA A 148 -12.23 17.12 -7.80
CA ALA A 148 -13.29 16.57 -8.63
C ALA A 148 -14.65 17.14 -8.24
N VAL A 149 -14.91 17.27 -6.93
CA VAL A 149 -16.16 17.88 -6.49
C VAL A 149 -16.30 19.30 -7.06
N MET A 150 -15.29 20.14 -6.83
CA MET A 150 -15.28 21.52 -7.33
C MET A 150 -15.56 21.63 -8.84
N ASP A 151 -14.92 20.77 -9.63
CA ASP A 151 -15.10 20.79 -11.08
C ASP A 151 -16.49 20.37 -11.53
N ALA A 152 -17.05 19.34 -10.88
CA ALA A 152 -18.42 18.88 -11.15
C ALA A 152 -19.43 19.95 -10.77
N ALA A 153 -19.16 20.63 -9.66
CA ALA A 153 -20.05 21.68 -9.15
C ALA A 153 -20.19 22.81 -10.18
N ALA A 154 -19.07 23.23 -10.75
CA ALA A 154 -19.06 24.27 -11.78
C ALA A 154 -19.94 23.89 -12.96
N VAL A 155 -19.89 22.62 -13.34
CA VAL A 155 -20.67 22.09 -14.46
C VAL A 155 -22.17 22.08 -14.14
N ILE A 156 -22.52 21.55 -12.97
CA ILE A 156 -23.92 21.47 -12.55
C ILE A 156 -24.54 22.88 -12.39
N ASN A 157 -23.72 23.86 -12.03
CA ASN A 157 -24.14 25.25 -11.85
C ASN A 157 -24.37 26.01 -13.14
N GLY A 158 -23.81 25.49 -14.24
CA GLY A 158 -23.92 26.13 -15.54
C GLY A 158 -22.83 27.16 -15.75
N LYS A 159 -21.72 27.00 -15.03
CA LYS A 159 -20.57 27.90 -15.14
C LYS A 159 -19.58 27.42 -16.18
N LYS A 160 -19.55 26.11 -16.40
CA LYS A 160 -18.65 25.48 -17.36
C LYS A 160 -19.39 24.37 -18.11
N PRO A 161 -19.08 24.17 -19.39
CA PRO A 161 -19.73 23.13 -20.18
C PRO A 161 -19.30 21.73 -19.74
N GLU A 162 -20.20 20.76 -19.86
CA GLU A 162 -19.92 19.40 -19.42
C GLU A 162 -18.79 18.73 -20.21
N THR A 163 -18.65 19.10 -21.48
CA THR A 163 -17.58 18.57 -22.32
C THR A 163 -16.18 18.87 -21.76
N ASP A 164 -16.10 19.84 -20.85
CA ASP A 164 -14.85 20.16 -20.17
C ASP A 164 -14.45 19.12 -19.12
N LEU A 165 -15.34 18.16 -18.86
CA LEU A 165 -15.04 17.05 -17.95
C LEU A 165 -14.52 15.83 -18.72
N GLU A 166 -14.59 15.92 -20.05
CA GLU A 166 -14.05 14.87 -20.92
C GLU A 166 -12.59 15.16 -21.20
N PHE A 167 -11.76 14.12 -21.20
CA PHE A 167 -10.33 14.27 -21.48
C PHE A 167 -10.09 14.76 -22.90
N LYS A 168 -9.16 15.71 -23.02
CA LYS A 168 -8.75 16.26 -24.29
C LYS A 168 -7.35 15.76 -24.62
N MET A 169 -7.20 15.21 -25.82
CA MET A 169 -5.90 14.72 -26.30
C MET A 169 -4.89 15.86 -26.45
N PRO A 170 -3.63 15.60 -26.10
CA PRO A 170 -2.57 16.63 -26.16
C PRO A 170 -2.21 17.15 -27.55
N ALA A 171 -2.89 16.66 -28.59
CA ALA A 171 -2.76 17.14 -29.96
C ALA A 171 -1.38 16.89 -30.59
N ASP A 172 -0.77 15.78 -30.21
CA ASP A 172 0.32 15.16 -30.96
C ASP A 172 0.09 13.66 -30.85
N GLY A 173 -0.79 13.30 -29.91
CA GLY A 173 -1.15 11.93 -29.65
C GLY A 173 -0.37 11.29 -28.53
N ARG A 174 0.48 12.07 -27.84
CA ARG A 174 1.35 11.55 -26.78
C ARG A 174 0.65 11.43 -25.41
N ILE A 175 0.28 10.21 -25.03
CA ILE A 175 -0.32 10.01 -23.71
C ILE A 175 0.70 9.75 -22.59
N TRP A 176 1.91 9.33 -22.94
CA TRP A 176 3.01 9.27 -21.98
C TRP A 176 3.27 10.68 -21.45
N GLY A 177 3.29 10.82 -20.13
CA GLY A 177 3.49 12.11 -19.50
C GLY A 177 2.20 12.91 -19.33
N SER A 178 1.09 12.38 -19.82
CA SER A 178 -0.17 13.11 -19.80
C SER A 178 -1.04 12.80 -18.58
N LYS A 179 -2.26 13.35 -18.61
CA LYS A 179 -3.26 13.12 -17.58
C LYS A 179 -4.37 12.20 -18.08
N TYR A 180 -4.04 11.38 -19.08
CA TYR A 180 -4.97 10.40 -19.62
C TYR A 180 -5.54 9.51 -18.49
N PRO A 181 -6.87 9.43 -18.41
CA PRO A 181 -7.54 8.62 -17.38
C PRO A 181 -7.16 7.15 -17.43
N ARG A 182 -7.09 6.50 -16.27
CA ARG A 182 -6.81 5.07 -16.22
C ARG A 182 -8.02 4.26 -16.72
N PRO A 183 -7.77 3.18 -17.48
CA PRO A 183 -8.85 2.35 -18.04
C PRO A 183 -9.91 1.88 -17.05
N THR A 184 -9.54 1.58 -15.81
CA THR A 184 -10.50 1.10 -14.79
C THR A 184 -11.35 2.20 -14.14
N ALA A 185 -11.09 3.47 -14.47
CA ALA A 185 -11.78 4.59 -13.82
C ALA A 185 -13.30 4.51 -13.91
N VAL A 186 -13.82 4.29 -15.12
CA VAL A 186 -15.26 4.22 -15.35
C VAL A 186 -15.95 3.15 -14.49
N ALA A 187 -15.39 1.93 -14.48
CA ALA A 187 -15.96 0.84 -13.67
C ALA A 187 -15.94 1.17 -12.17
N LYS A 188 -14.85 1.77 -11.69
CA LYS A 188 -14.72 2.14 -10.28
C LYS A 188 -15.76 3.17 -9.84
N VAL A 189 -15.97 4.20 -10.65
CA VAL A 189 -16.87 5.29 -10.27
C VAL A 189 -18.34 4.96 -10.49
N THR A 190 -18.61 3.84 -11.16
CA THR A 190 -19.98 3.37 -11.34
C THR A 190 -20.32 2.17 -10.44
N GLY A 191 -19.35 1.73 -9.64
CA GLY A 191 -19.53 0.55 -8.80
C GLY A 191 -19.77 -0.74 -9.60
N THR A 192 -19.25 -0.80 -10.82
CA THR A 192 -19.41 -1.98 -11.67
C THR A 192 -18.13 -2.83 -11.75
N LEU A 193 -17.13 -2.46 -10.96
CA LEU A 193 -15.94 -3.29 -10.82
C LEU A 193 -16.12 -4.20 -9.61
N ASP A 194 -15.99 -5.51 -9.83
CA ASP A 194 -16.25 -6.47 -8.77
C ASP A 194 -14.99 -6.82 -7.98
N TYR A 195 -14.96 -6.35 -6.73
CA TYR A 195 -13.89 -6.68 -5.79
C TYR A 195 -14.20 -8.04 -5.16
N GLY A 196 -13.26 -8.55 -4.35
CA GLY A 196 -13.40 -9.88 -3.78
C GLY A 196 -14.72 -10.20 -3.09
N ALA A 197 -15.17 -9.30 -2.23
CA ALA A 197 -16.46 -9.45 -1.54
C ALA A 197 -17.65 -9.41 -2.50
N ASP A 198 -17.58 -8.57 -3.54
CA ASP A 198 -18.62 -8.49 -4.57
C ASP A 198 -18.74 -9.79 -5.34
N LEU A 199 -17.59 -10.35 -5.71
CA LEU A 199 -17.55 -11.62 -6.43
C LEU A 199 -18.16 -12.75 -5.59
N GLY A 200 -17.90 -12.72 -4.28
CA GLY A 200 -18.47 -13.68 -3.35
C GLY A 200 -19.99 -13.72 -3.31
N LEU A 201 -20.62 -12.55 -3.44
CA LEU A 201 -22.08 -12.46 -3.50
C LEU A 201 -22.63 -12.97 -4.83
N LYS A 202 -21.77 -13.00 -5.85
CA LYS A 202 -22.16 -13.37 -7.21
C LYS A 202 -21.72 -14.78 -7.60
N MET A 203 -21.15 -15.50 -6.63
CA MET A 203 -20.75 -16.90 -6.83
C MET A 203 -21.98 -17.82 -6.71
N PRO A 204 -21.92 -19.02 -7.31
CA PRO A 204 -23.09 -19.90 -7.34
C PRO A 204 -23.40 -20.49 -5.97
N ALA A 205 -24.62 -20.99 -5.79
CA ALA A 205 -24.94 -21.72 -4.57
C ALA A 205 -24.12 -22.99 -4.57
N GLY A 206 -23.79 -23.49 -3.40
CA GLY A 206 -22.85 -24.59 -3.31
C GLY A 206 -21.49 -24.06 -2.88
N THR A 207 -21.25 -22.77 -3.14
CA THR A 207 -20.06 -22.08 -2.64
C THR A 207 -20.13 -22.07 -1.13
N LEU A 208 -19.07 -22.55 -0.49
CA LEU A 208 -19.00 -22.54 0.97
C LEU A 208 -18.33 -21.26 1.46
N HIS A 209 -18.91 -20.67 2.50
CA HIS A 209 -18.37 -19.45 3.07
C HIS A 209 -17.58 -19.81 4.31
N LEU A 210 -16.38 -19.25 4.43
CA LEU A 210 -15.48 -19.62 5.50
C LEU A 210 -15.46 -18.60 6.62
N ALA A 211 -15.17 -19.11 7.81
CA ALA A 211 -14.91 -18.29 8.97
C ALA A 211 -13.71 -18.89 9.68
N MET A 212 -12.89 -18.03 10.25
CA MET A 212 -11.69 -18.46 10.92
C MET A 212 -11.93 -18.65 12.42
N VAL A 213 -11.36 -19.71 12.95
CA VAL A 213 -11.30 -19.94 14.38
C VAL A 213 -9.89 -19.50 14.76
N GLN A 214 -9.81 -18.45 15.56
CA GLN A 214 -8.54 -17.76 15.79
C GLN A 214 -8.12 -17.81 17.24
N ALA A 215 -6.81 -17.87 17.47
CA ALA A 215 -6.24 -17.81 18.81
C ALA A 215 -6.64 -16.51 19.49
N LYS A 216 -7.02 -16.61 20.76
CA LYS A 216 -7.40 -15.44 21.55
C LYS A 216 -6.35 -15.13 22.61
N VAL A 217 -5.18 -15.77 22.46
CA VAL A 217 -3.98 -15.43 23.22
C VAL A 217 -2.82 -15.24 22.24
N SER A 218 -1.72 -14.66 22.72
CA SER A 218 -0.59 -14.29 21.85
C SER A 218 0.43 -15.40 21.63
N HIS A 219 0.47 -16.36 22.54
CA HIS A 219 1.48 -17.42 22.55
C HIS A 219 0.98 -18.63 23.34
N ALA A 220 1.02 -19.79 22.70
CA ALA A 220 0.47 -21.01 23.29
C ALA A 220 0.97 -22.30 22.65
N ASN A 221 0.93 -23.39 23.41
CA ASN A 221 1.00 -24.74 22.88
C ASN A 221 -0.43 -25.28 22.71
N ILE A 222 -0.75 -25.79 21.53
CA ILE A 222 -2.09 -26.31 21.28
C ILE A 222 -2.19 -27.78 21.71
N LYS A 223 -3.24 -28.11 22.45
CA LYS A 223 -3.47 -29.47 22.92
C LYS A 223 -4.48 -30.23 22.06
N GLY A 224 -5.54 -29.55 21.64
CA GLY A 224 -6.56 -30.16 20.79
C GLY A 224 -7.67 -29.20 20.41
N ILE A 225 -8.40 -29.57 19.35
CA ILE A 225 -9.52 -28.78 18.84
C ILE A 225 -10.82 -29.57 18.94
N ASP A 226 -11.86 -28.95 19.50
CA ASP A 226 -13.16 -29.61 19.64
C ASP A 226 -14.22 -28.97 18.74
N THR A 227 -14.57 -29.68 17.67
CA THR A 227 -15.51 -29.16 16.66
C THR A 227 -16.96 -29.64 16.82
N SER A 228 -17.24 -30.40 17.87
CA SER A 228 -18.52 -31.10 18.04
C SER A 228 -19.76 -30.19 17.99
N GLU A 229 -19.75 -29.12 18.79
CA GLU A 229 -20.88 -28.18 18.82
C GLU A 229 -21.06 -27.43 17.49
N ALA A 230 -19.96 -27.06 16.86
CA ALA A 230 -19.97 -26.32 15.60
C ALA A 230 -20.68 -27.08 14.47
N LEU A 231 -20.46 -28.39 14.42
CA LEU A 231 -21.00 -29.23 13.36
C LEU A 231 -22.52 -29.38 13.36
N THR A 232 -23.15 -29.12 14.51
CA THR A 232 -24.60 -29.19 14.67
C THR A 232 -25.31 -27.87 14.37
N MET A 233 -24.51 -26.80 14.25
CA MET A 233 -25.03 -25.46 14.09
C MET A 233 -25.57 -25.22 12.67
N PRO A 234 -26.54 -24.31 12.51
CA PRO A 234 -27.16 -24.05 11.21
C PRO A 234 -26.19 -23.75 10.05
N GLY A 235 -26.46 -24.35 8.89
CA GLY A 235 -25.72 -24.09 7.67
C GLY A 235 -24.32 -24.68 7.59
N VAL A 236 -23.85 -25.31 8.66
CA VAL A 236 -22.48 -25.80 8.74
C VAL A 236 -22.27 -27.10 7.94
N HIS A 237 -21.29 -27.06 7.06
CA HIS A 237 -20.89 -28.18 6.21
C HIS A 237 -19.83 -29.03 6.92
N SER A 238 -18.79 -28.38 7.42
CA SER A 238 -17.64 -29.06 8.03
C SER A 238 -16.68 -28.07 8.67
N VAL A 239 -15.74 -28.61 9.46
CA VAL A 239 -14.65 -27.84 10.03
C VAL A 239 -13.29 -28.39 9.57
N ILE A 240 -12.45 -27.50 9.06
CA ILE A 240 -11.13 -27.84 8.53
C ILE A 240 -10.04 -27.48 9.54
N THR A 241 -9.10 -28.40 9.78
CA THR A 241 -7.96 -28.14 10.66
C THR A 241 -6.69 -28.60 9.96
N HIS A 242 -5.57 -28.54 10.66
CA HIS A 242 -4.27 -28.94 10.10
C HIS A 242 -4.29 -30.35 9.51
N LYS A 243 -5.10 -31.22 10.10
CA LYS A 243 -5.26 -32.59 9.62
C LYS A 243 -5.74 -32.68 8.17
N ASP A 244 -6.43 -31.64 7.69
CA ASP A 244 -6.95 -31.64 6.32
C ASP A 244 -5.96 -31.11 5.29
N VAL A 245 -4.82 -30.62 5.77
CA VAL A 245 -3.78 -30.07 4.89
C VAL A 245 -2.97 -31.20 4.25
N LYS A 246 -2.85 -31.12 2.93
CA LYS A 246 -2.30 -32.18 2.10
C LYS A 246 -0.76 -32.11 1.96
N GLY A 247 -0.18 -30.96 2.33
CA GLY A 247 1.26 -30.77 2.21
C GLY A 247 1.94 -30.51 3.54
N LYS A 248 3.04 -29.76 3.48
CA LYS A 248 3.87 -29.50 4.67
C LYS A 248 3.16 -28.69 5.76
N ASN A 249 2.02 -28.09 5.41
CA ASN A 249 1.30 -27.17 6.30
C ASN A 249 2.21 -26.02 6.76
N ARG A 250 3.06 -25.55 5.85
CA ARG A 250 4.02 -24.50 6.16
C ARG A 250 4.17 -23.55 4.98
N ILE A 251 4.23 -22.26 5.26
CA ILE A 251 4.56 -21.29 4.22
C ILE A 251 6.07 -21.08 4.26
N THR A 252 6.70 -21.05 3.10
CA THR A 252 8.14 -20.81 3.00
C THR A 252 8.45 -19.38 2.60
N GLY A 253 9.45 -18.80 3.27
CA GLY A 253 9.95 -17.49 2.93
C GLY A 253 10.66 -17.45 1.59
N LEU A 254 10.96 -18.62 1.02
CA LEU A 254 11.41 -18.78 -0.37
C LEU A 254 12.82 -18.25 -0.71
N ILE A 255 13.13 -17.04 -0.26
CA ILE A 255 14.45 -16.44 -0.49
C ILE A 255 15.16 -16.12 0.83
N THR A 256 14.94 -16.97 1.83
CA THR A 256 15.63 -16.90 3.11
C THR A 256 17.14 -16.86 2.89
N PHE A 257 17.80 -15.89 3.54
CA PHE A 257 19.23 -15.67 3.43
C PHE A 257 19.99 -16.84 4.07
N PRO A 258 21.14 -17.23 3.50
CA PRO A 258 21.98 -18.28 4.11
C PRO A 258 22.38 -18.01 5.57
N THR A 259 22.73 -16.78 5.92
CA THR A 259 23.13 -16.46 7.31
C THR A 259 21.95 -16.32 8.27
N ASN A 260 20.73 -16.41 7.75
CA ASN A 260 19.54 -16.52 8.59
C ASN A 260 19.65 -17.81 9.39
N LYS A 261 19.43 -17.73 10.70
CA LYS A 261 19.55 -18.90 11.59
C LYS A 261 18.29 -19.78 11.56
N GLY A 262 17.24 -19.29 10.88
CA GLY A 262 16.01 -20.05 10.69
C GLY A 262 15.89 -20.56 9.26
N ASP A 263 15.17 -21.66 9.08
CA ASP A 263 15.02 -22.26 7.74
C ASP A 263 13.93 -21.62 6.87
N GLY A 264 13.14 -20.73 7.46
CA GLY A 264 12.12 -20.00 6.70
C GLY A 264 10.84 -20.77 6.43
N TRP A 265 10.72 -21.95 7.04
CA TRP A 265 9.49 -22.75 7.01
C TRP A 265 8.75 -22.63 8.35
N ASP A 266 9.00 -21.54 9.09
CA ASP A 266 8.43 -21.36 10.43
C ASP A 266 6.91 -21.09 10.48
N ARG A 267 6.34 -20.55 9.41
CA ARG A 267 4.92 -20.18 9.40
C ARG A 267 3.98 -21.32 9.00
N PRO A 268 3.04 -21.69 9.87
CA PRO A 268 2.04 -22.70 9.53
C PRO A 268 0.93 -22.12 8.63
N ILE A 269 0.23 -22.99 7.90
CA ILE A 269 -0.96 -22.56 7.19
C ILE A 269 -2.14 -22.60 8.18
N LEU A 270 -2.36 -23.77 8.78
CA LEU A 270 -3.25 -23.90 9.93
C LEU A 270 -2.43 -24.34 11.14
N CYS A 271 -2.59 -23.63 12.24
CA CYS A 271 -1.85 -23.92 13.46
C CYS A 271 -2.00 -25.39 13.91
N ASP A 272 -0.87 -25.99 14.23
CA ASP A 272 -0.83 -27.38 14.62
C ASP A 272 -0.41 -27.47 16.08
N GLU A 273 0.88 -27.30 16.33
CA GLU A 273 1.42 -27.45 17.67
C GLU A 273 1.33 -26.16 18.47
N LYS A 274 1.47 -25.01 17.79
CA LYS A 274 1.64 -23.75 18.50
C LYS A 274 0.79 -22.58 17.98
N VAL A 275 0.49 -21.67 18.92
CA VAL A 275 0.01 -20.34 18.60
C VAL A 275 1.21 -19.38 18.72
N PHE A 276 1.46 -18.59 17.67
CA PHE A 276 2.62 -17.70 17.63
C PHE A 276 2.25 -16.23 17.78
N GLN A 277 1.00 -15.90 17.43
CA GLN A 277 0.47 -14.55 17.65
C GLN A 277 -1.04 -14.60 17.85
N TYR A 278 -1.57 -13.60 18.55
CA TYR A 278 -3.02 -13.43 18.65
C TYR A 278 -3.61 -13.36 17.24
N GLY A 279 -4.66 -14.15 17.01
CA GLY A 279 -5.35 -14.14 15.72
C GLY A 279 -5.02 -15.29 14.79
N ASP A 280 -3.94 -16.03 15.09
CA ASP A 280 -3.55 -17.20 14.32
C ASP A 280 -4.74 -18.10 13.98
N CYS A 281 -4.87 -18.49 12.71
CA CYS A 281 -5.95 -19.38 12.28
C CYS A 281 -5.65 -20.83 12.70
N ILE A 282 -6.56 -21.41 13.48
CA ILE A 282 -6.43 -22.76 13.99
C ILE A 282 -7.38 -23.69 13.23
N ALA A 283 -8.51 -23.13 12.78
CA ALA A 283 -9.53 -23.91 12.07
C ALA A 283 -10.39 -23.05 11.15
N LEU A 284 -11.00 -23.69 10.16
CA LEU A 284 -11.93 -23.03 9.22
C LEU A 284 -13.30 -23.71 9.26
N VAL A 285 -14.33 -22.95 9.59
CA VAL A 285 -15.70 -23.44 9.50
C VAL A 285 -16.17 -23.18 8.08
N CYS A 286 -16.72 -24.19 7.42
CA CYS A 286 -17.36 -24.03 6.12
C CYS A 286 -18.87 -24.11 6.31
N ALA A 287 -19.57 -23.09 5.84
CA ALA A 287 -21.02 -23.05 5.98
C ALA A 287 -21.69 -22.48 4.74
N ASP A 288 -23.02 -22.45 4.75
CA ASP A 288 -23.77 -21.94 3.61
C ASP A 288 -23.70 -20.41 3.49
N SER A 289 -23.35 -19.73 4.59
CA SER A 289 -23.20 -18.27 4.57
C SER A 289 -22.11 -17.76 5.54
N GLU A 290 -21.58 -16.56 5.27
CA GLU A 290 -20.61 -15.93 6.17
C GLU A 290 -21.13 -15.85 7.61
N ALA A 291 -22.35 -15.34 7.75
CA ALA A 291 -23.00 -15.17 9.07
C ALA A 291 -23.13 -16.49 9.84
N ASN A 292 -23.54 -17.55 9.15
CA ASN A 292 -23.65 -18.88 9.77
C ASN A 292 -22.29 -19.48 10.12
N ALA A 293 -21.30 -19.23 9.27
CA ALA A 293 -19.94 -19.72 9.51
C ALA A 293 -19.34 -19.06 10.74
N ARG A 294 -19.48 -17.72 10.81
CA ARG A 294 -18.98 -16.94 11.94
C ARG A 294 -19.62 -17.37 13.25
N ALA A 295 -20.94 -17.59 13.23
CA ALA A 295 -21.69 -18.06 14.40
C ALA A 295 -21.11 -19.37 14.96
N ALA A 296 -20.93 -20.35 14.08
CA ALA A 296 -20.41 -21.65 14.46
C ALA A 296 -18.95 -21.60 14.88
N ALA A 297 -18.19 -20.71 14.26
CA ALA A 297 -16.77 -20.54 14.55
C ALA A 297 -16.57 -20.12 16.00
N GLU A 298 -17.53 -19.38 16.54
CA GLU A 298 -17.53 -18.96 17.93
C GLU A 298 -17.62 -20.13 18.90
N LYS A 299 -18.12 -21.27 18.43
CA LYS A 299 -18.37 -22.43 19.30
C LYS A 299 -17.33 -23.56 19.18
N VAL A 300 -16.42 -23.46 18.20
CA VAL A 300 -15.28 -24.38 18.13
C VAL A 300 -14.41 -24.11 19.36
N LYS A 301 -14.08 -25.16 20.11
CA LYS A 301 -13.30 -25.00 21.33
C LYS A 301 -11.87 -25.46 21.15
N VAL A 302 -10.94 -24.58 21.50
CA VAL A 302 -9.52 -24.86 21.39
C VAL A 302 -8.94 -25.00 22.79
N ASP A 303 -8.22 -26.10 23.01
CA ASP A 303 -7.60 -26.36 24.30
C ASP A 303 -6.14 -25.90 24.28
N LEU A 304 -5.86 -24.84 25.05
CA LEU A 304 -4.56 -24.17 25.00
C LEU A 304 -3.79 -24.22 26.31
N GLU A 305 -2.49 -24.39 26.16
CA GLU A 305 -1.54 -24.17 27.25
C GLU A 305 -0.84 -22.85 26.95
N GLU A 306 -1.32 -21.78 27.57
CA GLU A 306 -0.81 -20.43 27.33
C GLU A 306 0.63 -20.28 27.83
N LEU A 307 1.50 -19.79 26.95
CA LEU A 307 2.89 -19.49 27.29
C LEU A 307 3.09 -17.99 27.43
N PRO A 308 4.15 -17.56 28.12
CA PRO A 308 4.50 -16.13 28.18
C PRO A 308 4.82 -15.62 26.78
N ALA A 309 4.36 -14.41 26.47
CA ALA A 309 4.52 -13.82 25.16
C ALA A 309 5.50 -12.66 25.19
N TYR A 310 6.37 -12.59 24.18
CA TYR A 310 7.24 -11.43 23.99
C TYR A 310 6.58 -10.49 22.98
N MET A 311 6.19 -9.31 23.48
CA MET A 311 5.37 -8.39 22.71
C MET A 311 6.14 -7.20 22.13
N SER A 312 7.47 -7.26 22.19
CA SER A 312 8.31 -6.26 21.56
C SER A 312 9.68 -6.83 21.23
N GLY A 313 10.40 -6.15 20.35
CA GLY A 313 11.76 -6.54 19.96
C GLY A 313 12.73 -6.72 21.12
N PRO A 314 12.94 -5.67 21.92
CA PRO A 314 13.83 -5.74 23.10
C PRO A 314 13.55 -6.92 24.04
N ALA A 315 12.29 -7.20 24.34
CA ALA A 315 11.94 -8.31 25.22
C ALA A 315 12.35 -9.67 24.64
N ALA A 316 12.08 -9.88 23.35
CA ALA A 316 12.38 -11.14 22.69
C ALA A 316 13.87 -11.32 22.38
N ALA A 317 14.59 -10.21 22.26
CA ALA A 317 16.02 -10.23 21.92
C ALA A 317 16.94 -10.45 23.12
N ALA A 318 16.37 -10.42 24.33
CA ALA A 318 17.14 -10.63 25.56
C ALA A 318 17.80 -12.02 25.57
N GLU A 319 18.97 -12.12 26.21
CA GLU A 319 19.73 -13.37 26.27
C GLU A 319 18.92 -14.51 26.90
N ASP A 320 18.18 -14.18 27.95
CA ASP A 320 17.40 -15.15 28.73
C ASP A 320 16.04 -15.53 28.12
N ALA A 321 15.75 -15.04 26.91
CA ALA A 321 14.46 -15.28 26.28
C ALA A 321 14.29 -16.71 25.79
N ILE A 322 13.13 -17.29 26.07
CA ILE A 322 12.77 -18.62 25.57
C ILE A 322 12.53 -18.55 24.05
N GLU A 323 13.10 -19.51 23.32
CA GLU A 323 12.92 -19.60 21.86
C GLU A 323 11.46 -19.83 21.46
N ILE A 324 10.92 -18.90 20.68
CA ILE A 324 9.55 -18.98 20.18
C ILE A 324 9.44 -20.16 19.22
N HIS A 325 10.40 -20.26 18.31
CA HIS A 325 10.52 -21.41 17.44
C HIS A 325 11.69 -22.25 17.95
N PRO A 326 11.38 -23.33 18.68
CA PRO A 326 12.43 -24.14 19.33
C PRO A 326 13.45 -24.62 18.31
N GLY A 327 14.72 -24.50 18.63
CA GLY A 327 15.79 -24.81 17.70
C GLY A 327 16.31 -23.59 16.96
N THR A 328 15.52 -22.52 16.94
CA THR A 328 15.95 -21.24 16.37
C THR A 328 15.97 -20.12 17.42
N PRO A 329 17.08 -19.38 17.52
CA PRO A 329 17.13 -18.24 18.45
C PRO A 329 16.20 -17.13 17.99
N ASN A 330 15.63 -16.38 18.93
CA ASN A 330 14.72 -15.29 18.57
C ASN A 330 15.37 -14.25 17.66
N VAL A 331 16.61 -13.87 17.94
CA VAL A 331 17.40 -13.06 17.00
C VAL A 331 17.96 -14.01 15.95
N TYR A 332 17.33 -14.02 14.78
CA TYR A 332 17.66 -15.02 13.78
C TYR A 332 18.45 -14.50 12.58
N PHE A 333 18.69 -13.19 12.54
CA PHE A 333 19.42 -12.58 11.45
C PHE A 333 20.17 -11.31 11.85
N GLU A 334 21.33 -11.13 11.24
CA GLU A 334 22.17 -9.97 11.48
C GLU A 334 22.77 -9.53 10.17
N GLN A 335 22.62 -8.24 9.85
CA GLN A 335 23.25 -7.66 8.68
C GLN A 335 24.18 -6.52 9.08
N PRO A 336 25.49 -6.74 8.95
CA PRO A 336 26.45 -5.66 9.15
C PRO A 336 26.51 -4.73 7.95
N ILE A 337 26.93 -3.50 8.19
CA ILE A 337 27.30 -2.58 7.12
C ILE A 337 28.70 -2.06 7.44
N VAL A 338 29.64 -2.38 6.56
CA VAL A 338 31.04 -2.04 6.75
C VAL A 338 31.56 -1.29 5.52
N LYS A 339 31.61 0.03 5.63
CA LYS A 339 32.08 0.88 4.54
C LYS A 339 33.26 1.74 4.98
N GLY A 340 34.30 1.78 4.15
CA GLY A 340 35.47 2.61 4.38
C GLY A 340 36.18 2.30 5.69
N GLU A 341 36.70 3.34 6.33
CA GLU A 341 37.55 3.18 7.50
C GLU A 341 36.77 3.00 8.81
N ASP A 342 37.43 2.41 9.80
CA ASP A 342 36.92 2.28 11.16
C ASP A 342 36.44 3.62 11.71
N THR A 343 35.21 3.63 12.21
CA THR A 343 34.54 4.87 12.64
C THR A 343 34.96 5.33 14.03
N GLY A 344 35.37 4.38 14.88
CA GLY A 344 35.82 4.68 16.22
C GLY A 344 36.77 5.88 16.34
N PRO A 345 37.94 5.80 15.70
CA PRO A 345 38.91 6.90 15.70
C PRO A 345 38.44 8.18 14.99
N ILE A 346 37.57 8.07 13.99
CA ILE A 346 37.06 9.24 13.28
C ILE A 346 36.06 10.01 14.15
N PHE A 347 35.26 9.29 14.93
CA PHE A 347 34.34 9.90 15.89
C PHE A 347 35.09 10.63 17.02
N ALA A 348 36.21 10.05 17.45
CA ALA A 348 37.04 10.64 18.51
C ALA A 348 37.66 11.98 18.11
N SER A 349 38.01 12.13 16.83
CA SER A 349 38.76 13.29 16.34
C SER A 349 37.92 14.33 15.57
N ALA A 350 36.61 14.09 15.44
CA ALA A 350 35.76 15.00 14.68
C ALA A 350 35.36 16.24 15.49
N ASP A 351 35.12 17.35 14.79
CA ASP A 351 34.67 18.61 15.39
C ASP A 351 33.34 18.46 16.11
N VAL A 352 32.40 17.75 15.48
CA VAL A 352 31.06 17.56 16.02
C VAL A 352 30.61 16.12 15.82
N THR A 353 30.05 15.53 16.89
CA THR A 353 29.29 14.29 16.78
C THR A 353 27.90 14.52 17.38
N VAL A 354 26.91 13.85 16.81
CA VAL A 354 25.58 13.74 17.40
C VAL A 354 25.15 12.28 17.44
N GLU A 355 24.25 11.95 18.35
CA GLU A 355 23.66 10.63 18.37
C GLU A 355 22.23 10.63 18.90
N GLY A 356 21.45 9.64 18.49
CA GLY A 356 20.06 9.56 18.90
C GLY A 356 19.50 8.15 18.96
N ASP A 357 18.54 7.96 19.85
CA ASP A 357 17.75 6.73 19.91
C ASP A 357 16.37 7.05 19.36
N PHE A 358 15.96 6.29 18.33
CA PHE A 358 14.71 6.54 17.62
C PHE A 358 13.86 5.29 17.54
N TYR A 359 12.55 5.47 17.41
CA TYR A 359 11.63 4.37 17.26
C TYR A 359 10.55 4.67 16.24
N VAL A 360 10.33 3.72 15.34
CA VAL A 360 9.18 3.74 14.45
C VAL A 360 8.43 2.43 14.65
N GLY A 361 7.11 2.51 14.77
CA GLY A 361 6.30 1.39 15.26
C GLY A 361 5.55 0.54 14.25
N ARG A 362 4.55 -0.17 14.74
CA ARG A 362 3.84 -1.19 13.99
C ARG A 362 2.69 -0.60 13.17
N GLN A 363 3.01 0.23 12.19
CA GLN A 363 2.00 0.89 11.38
C GLN A 363 1.06 -0.09 10.69
N PRO A 364 -0.26 0.09 10.86
CA PRO A 364 -1.26 -0.71 10.17
C PRO A 364 -1.63 -0.11 8.81
N HIS A 365 -1.69 -0.94 7.77
CA HIS A 365 -1.89 -0.50 6.38
C HIS A 365 -3.23 0.18 6.18
N MET A 366 -4.23 -0.32 6.90
CA MET A 366 -5.58 0.25 6.89
C MET A 366 -6.15 0.57 5.50
N PRO A 367 -6.25 -0.44 4.63
CA PRO A 367 -6.96 -0.28 3.37
C PRO A 367 -8.46 -0.21 3.66
N ILE A 368 -9.24 0.48 2.84
CA ILE A 368 -10.69 0.53 3.12
C ILE A 368 -11.33 -0.85 2.97
N GLU A 369 -10.78 -1.65 2.06
CA GLU A 369 -11.29 -3.00 1.82
C GLU A 369 -10.51 -4.01 2.65
N PRO A 370 -11.18 -4.71 3.57
CA PRO A 370 -10.53 -5.73 4.39
C PRO A 370 -10.27 -6.99 3.56
N ASP A 371 -9.29 -7.78 3.97
CA ASP A 371 -8.83 -8.93 3.18
C ASP A 371 -9.93 -9.89 2.77
N VAL A 372 -9.83 -10.39 1.55
CA VAL A 372 -10.82 -11.28 0.99
C VAL A 372 -10.19 -12.14 -0.11
N ALA A 373 -10.53 -13.43 -0.11
CA ALA A 373 -10.07 -14.35 -1.15
C ALA A 373 -11.12 -15.41 -1.39
N PHE A 374 -11.02 -16.10 -2.52
CA PHE A 374 -11.78 -17.32 -2.75
C PHE A 374 -10.98 -18.34 -3.57
N ALA A 375 -11.37 -19.61 -3.47
CA ALA A 375 -10.71 -20.66 -4.23
C ALA A 375 -11.70 -21.72 -4.72
N TYR A 376 -11.29 -22.49 -5.72
CA TYR A 376 -12.12 -23.55 -6.27
C TYR A 376 -11.29 -24.56 -7.08
N MET A 377 -11.80 -25.80 -7.17
CA MET A 377 -11.24 -26.80 -8.06
C MET A 377 -11.85 -26.61 -9.45
N GLY A 378 -11.01 -26.31 -10.43
CA GLY A 378 -11.47 -26.16 -11.80
C GLY A 378 -11.79 -27.50 -12.44
N ASP A 379 -12.43 -27.47 -13.60
CA ASP A 379 -12.74 -28.70 -14.34
C ASP A 379 -11.46 -29.44 -14.75
N ASP A 380 -10.40 -28.66 -15.02
CA ASP A 380 -9.08 -29.19 -15.35
C ASP A 380 -8.31 -29.84 -14.18
N GLY A 381 -8.92 -29.87 -13.00
CA GLY A 381 -8.28 -30.48 -11.84
C GLY A 381 -7.28 -29.60 -11.10
N LYS A 382 -7.05 -28.39 -11.58
CA LYS A 382 -6.17 -27.43 -10.89
C LYS A 382 -6.92 -26.72 -9.77
N CYS A 383 -6.20 -26.28 -8.75
CA CYS A 383 -6.78 -25.44 -7.71
C CYS A 383 -6.55 -23.96 -8.06
N TYR A 384 -7.62 -23.19 -8.14
CA TYR A 384 -7.53 -21.77 -8.47
C TYR A 384 -7.76 -20.92 -7.23
N ILE A 385 -6.90 -19.92 -7.02
CA ILE A 385 -7.08 -18.93 -5.97
C ILE A 385 -7.18 -17.53 -6.56
N HIS A 386 -8.23 -16.81 -6.17
CA HIS A 386 -8.41 -15.43 -6.54
C HIS A 386 -8.35 -14.58 -5.27
N SER A 387 -7.36 -13.70 -5.20
CA SER A 387 -7.16 -12.91 -3.98
C SER A 387 -6.62 -11.52 -4.25
N LYS A 388 -6.16 -10.88 -3.18
CA LYS A 388 -5.54 -9.56 -3.24
C LYS A 388 -4.03 -9.67 -3.39
N SER A 389 -3.54 -10.85 -3.77
CA SER A 389 -2.11 -11.05 -3.95
C SER A 389 -1.55 -10.01 -4.91
N ILE A 390 -0.49 -9.33 -4.49
CA ILE A 390 0.21 -8.43 -5.39
C ILE A 390 1.49 -9.04 -5.94
N GLY A 391 1.63 -10.35 -5.77
CA GLY A 391 2.71 -11.13 -6.36
C GLY A 391 2.25 -12.57 -6.53
N VAL A 392 1.49 -12.83 -7.59
CA VAL A 392 0.82 -14.12 -7.78
C VAL A 392 1.80 -15.28 -8.00
N HIS A 393 2.83 -15.07 -8.83
CA HIS A 393 3.86 -16.08 -9.07
C HIS A 393 4.66 -16.35 -7.80
N LEU A 394 4.99 -15.27 -7.10
CA LEU A 394 5.71 -15.36 -5.83
C LEU A 394 4.93 -16.20 -4.79
N HIS A 395 3.67 -15.85 -4.58
CA HIS A 395 2.85 -16.51 -3.58
C HIS A 395 2.58 -17.97 -3.92
N LEU A 396 2.42 -18.28 -5.21
CA LEU A 396 2.31 -19.66 -5.68
C LEU A 396 3.41 -20.55 -5.09
N TYR A 397 4.66 -20.09 -5.18
CA TYR A 397 5.80 -20.90 -4.75
C TYR A 397 6.00 -20.87 -3.25
N MET A 398 5.50 -19.83 -2.62
CA MET A 398 5.48 -19.71 -1.18
C MET A 398 4.47 -20.68 -0.55
N ILE A 399 3.35 -20.93 -1.25
CA ILE A 399 2.28 -21.76 -0.69
C ILE A 399 2.17 -23.19 -1.23
N ALA A 400 2.60 -23.44 -2.47
CA ALA A 400 2.43 -24.76 -3.10
C ALA A 400 2.85 -25.98 -2.25
N PRO A 401 4.08 -26.06 -1.75
CA PRO A 401 4.50 -27.22 -0.95
C PRO A 401 3.72 -27.33 0.36
N GLY A 402 3.26 -26.19 0.89
CA GLY A 402 2.47 -26.17 2.11
C GLY A 402 1.11 -26.80 1.91
N VAL A 403 0.43 -26.43 0.83
CA VAL A 403 -0.91 -26.97 0.53
C VAL A 403 -0.88 -28.33 -0.17
N GLY A 404 0.30 -28.72 -0.65
CA GLY A 404 0.53 -30.06 -1.16
C GLY A 404 0.24 -30.22 -2.63
N LEU A 405 0.53 -29.16 -3.41
CA LEU A 405 0.34 -29.17 -4.85
C LEU A 405 1.64 -28.83 -5.57
N GLU A 406 1.83 -29.42 -6.75
CA GLU A 406 2.90 -29.01 -7.66
C GLU A 406 2.54 -27.67 -8.30
N PRO A 407 3.56 -26.84 -8.61
CA PRO A 407 3.35 -25.53 -9.22
C PRO A 407 2.37 -25.51 -10.42
N ASP A 408 2.39 -26.56 -11.23
CA ASP A 408 1.49 -26.65 -12.38
C ASP A 408 0.02 -26.93 -11.99
N GLN A 409 -0.21 -27.34 -10.73
CA GLN A 409 -1.55 -27.72 -10.29
C GLN A 409 -2.29 -26.64 -9.48
N LEU A 410 -1.67 -25.48 -9.33
CA LEU A 410 -2.31 -24.35 -8.65
C LEU A 410 -2.19 -23.07 -9.48
N VAL A 411 -3.27 -22.29 -9.49
CA VAL A 411 -3.32 -21.05 -10.27
C VAL A 411 -3.71 -19.90 -9.37
N LEU A 412 -2.90 -18.84 -9.38
CA LEU A 412 -3.20 -17.65 -8.58
C LEU A 412 -3.58 -16.48 -9.48
N VAL A 413 -4.66 -15.82 -9.11
CA VAL A 413 -5.22 -14.71 -9.89
C VAL A 413 -5.46 -13.53 -8.95
N ALA A 414 -5.09 -12.33 -9.40
CA ALA A 414 -5.33 -11.15 -8.60
C ALA A 414 -6.70 -10.58 -8.93
N ASN A 415 -7.57 -10.51 -7.93
CA ASN A 415 -8.83 -9.81 -8.07
C ASN A 415 -8.57 -8.29 -8.10
N PRO A 416 -9.51 -7.50 -8.62
CA PRO A 416 -9.51 -6.06 -8.34
C PRO A 416 -9.48 -5.89 -6.81
N MET A 417 -8.67 -4.96 -6.32
CA MET A 417 -8.53 -4.81 -4.87
C MET A 417 -8.56 -3.36 -4.37
N GLY A 418 -9.06 -3.20 -3.14
CA GLY A 418 -9.17 -1.88 -2.55
C GLY A 418 -7.97 -1.51 -1.69
N GLY A 419 -6.77 -1.50 -2.29
CA GLY A 419 -5.56 -1.14 -1.60
C GLY A 419 -4.95 -2.25 -0.76
N THR A 420 -3.62 -2.24 -0.64
CA THR A 420 -2.91 -3.16 0.26
C THR A 420 -1.77 -2.45 0.94
N PHE A 421 -1.09 -1.56 0.20
CA PHE A 421 0.04 -0.76 0.70
C PHE A 421 1.14 -1.63 1.29
N GLY A 422 1.24 -2.85 0.76
CA GLY A 422 2.34 -3.73 1.08
C GLY A 422 1.96 -5.01 1.79
N TYR A 423 0.83 -5.03 2.50
CA TYR A 423 0.47 -6.17 3.33
C TYR A 423 0.22 -7.43 2.49
N LYS A 424 -0.04 -7.23 1.21
CA LYS A 424 -0.22 -8.33 0.28
C LYS A 424 1.05 -8.76 -0.45
N PHE A 425 2.22 -8.29 0.01
CA PHE A 425 3.49 -8.89 -0.38
C PHE A 425 3.56 -10.22 0.33
N SER A 426 2.80 -10.33 1.42
CA SER A 426 2.64 -11.56 2.16
C SER A 426 1.38 -12.29 1.75
N PRO A 427 1.44 -13.63 1.74
CA PRO A 427 0.22 -14.43 1.74
C PRO A 427 -0.56 -14.14 3.03
N THR A 428 -1.87 -13.99 2.90
CA THR A 428 -2.73 -13.86 4.07
C THR A 428 -3.71 -15.02 4.12
N SER A 429 -4.60 -15.10 3.13
CA SER A 429 -5.69 -16.06 3.12
C SER A 429 -5.61 -17.10 1.98
N GLU A 430 -4.60 -16.97 1.12
CA GLU A 430 -4.45 -17.82 -0.07
C GLU A 430 -4.35 -19.32 0.25
N ALA A 431 -3.45 -19.69 1.16
CA ALA A 431 -3.28 -21.08 1.52
C ALA A 431 -4.50 -21.62 2.26
N LEU A 432 -5.16 -20.75 3.03
CA LEU A 432 -6.37 -21.13 3.77
C LEU A 432 -7.52 -21.49 2.83
N VAL A 433 -7.77 -20.65 1.83
CA VAL A 433 -8.80 -20.97 0.84
C VAL A 433 -8.40 -22.16 -0.05
N ALA A 434 -7.12 -22.30 -0.37
CA ALA A 434 -6.67 -23.45 -1.15
C ALA A 434 -6.99 -24.75 -0.41
N VAL A 435 -6.59 -24.79 0.86
CA VAL A 435 -6.77 -25.96 1.72
C VAL A 435 -8.25 -26.33 1.83
N ALA A 436 -9.11 -25.33 1.99
CA ALA A 436 -10.54 -25.51 2.12
C ALA A 436 -11.18 -26.00 0.82
N ALA A 437 -10.76 -25.43 -0.30
CA ALA A 437 -11.24 -25.86 -1.61
C ALA A 437 -10.84 -27.31 -1.90
N MET A 438 -9.64 -27.68 -1.49
CA MET A 438 -9.09 -29.01 -1.75
C MET A 438 -9.80 -30.08 -0.91
N ALA A 439 -9.95 -29.80 0.38
CA ALA A 439 -10.58 -30.73 1.31
C ALA A 439 -12.06 -30.96 1.00
N THR A 440 -12.79 -29.90 0.63
CA THR A 440 -14.23 -30.00 0.39
C THR A 440 -14.58 -30.36 -1.05
N GLY A 441 -13.70 -29.98 -1.98
CA GLY A 441 -13.98 -30.08 -3.40
C GLY A 441 -14.88 -28.97 -3.93
N ARG A 442 -15.33 -28.08 -3.04
CA ARG A 442 -16.30 -27.04 -3.39
C ARG A 442 -15.64 -25.66 -3.47
N PRO A 443 -16.26 -24.72 -4.19
CA PRO A 443 -15.80 -23.33 -4.14
C PRO A 443 -15.91 -22.81 -2.72
N VAL A 444 -14.88 -22.12 -2.27
CA VAL A 444 -14.90 -21.55 -0.93
C VAL A 444 -14.62 -20.06 -0.99
N HIS A 445 -15.15 -19.30 -0.04
CA HIS A 445 -14.97 -17.86 0.00
C HIS A 445 -14.75 -17.38 1.43
N LEU A 446 -13.70 -16.57 1.60
CA LEU A 446 -13.29 -16.07 2.91
C LEU A 446 -13.12 -14.55 2.90
N ARG A 447 -13.92 -13.86 3.70
CA ARG A 447 -13.83 -12.41 3.83
C ARG A 447 -13.50 -12.09 5.27
N TYR A 448 -12.42 -11.35 5.49
CA TYR A 448 -12.09 -10.82 6.82
C TYR A 448 -12.98 -9.62 7.13
N ASN A 449 -13.34 -9.46 8.40
CA ASN A 449 -13.93 -8.21 8.87
C ASN A 449 -12.81 -7.27 9.27
N TYR A 450 -13.10 -5.98 9.45
CA TYR A 450 -12.03 -5.03 9.72
C TYR A 450 -11.12 -5.35 10.90
N GLN A 451 -11.70 -5.94 11.95
CA GLN A 451 -10.94 -6.33 13.14
C GLN A 451 -9.89 -7.39 12.80
N GLN A 452 -10.25 -8.34 11.95
CA GLN A 452 -9.34 -9.37 11.46
C GLN A 452 -8.30 -8.79 10.52
N GLN A 453 -8.70 -7.77 9.75
CA GLN A 453 -7.79 -7.09 8.84
C GLN A 453 -6.68 -6.42 9.63
N GLN A 454 -7.05 -5.84 10.77
CA GLN A 454 -6.09 -5.18 11.65
C GLN A 454 -5.24 -6.17 12.45
N GLN A 455 -5.89 -7.16 13.06
CA GLN A 455 -5.21 -8.08 13.97
C GLN A 455 -4.46 -9.22 13.28
N TYR A 456 -4.89 -9.58 12.08
CA TYR A 456 -4.40 -10.79 11.44
C TYR A 456 -4.06 -10.62 9.96
N THR A 457 -3.48 -9.47 9.62
CA THR A 457 -2.65 -9.34 8.43
C THR A 457 -1.36 -8.71 8.91
N GLY A 458 -0.29 -8.83 8.12
CA GLY A 458 1.00 -8.31 8.52
C GLY A 458 1.04 -6.81 8.75
N LYS A 459 2.07 -6.36 9.47
CA LYS A 459 2.22 -4.96 9.82
C LYS A 459 3.62 -4.49 9.47
N ARG A 460 3.81 -3.17 9.36
CA ARG A 460 5.15 -2.59 9.33
C ARG A 460 5.83 -3.05 10.60
N SER A 461 7.07 -3.50 10.49
CA SER A 461 7.82 -3.96 11.65
C SER A 461 8.48 -2.77 12.38
N PRO A 462 8.28 -2.71 13.70
CA PRO A 462 8.94 -1.68 14.51
C PRO A 462 10.45 -1.83 14.50
N TRP A 463 11.16 -0.70 14.43
CA TRP A 463 12.61 -0.69 14.59
C TRP A 463 12.99 0.16 15.80
N GLU A 464 13.83 -0.39 16.67
CA GLU A 464 14.52 0.40 17.69
C GLU A 464 15.88 0.74 17.09
N MET A 465 16.19 2.03 17.00
CA MET A 465 17.38 2.48 16.28
C MET A 465 18.24 3.44 17.11
N ASN A 466 19.55 3.25 16.99
CA ASN A 466 20.53 4.22 17.45
C ASN A 466 21.41 4.59 16.25
N VAL A 467 21.43 5.88 15.91
CA VAL A 467 22.26 6.38 14.81
C VAL A 467 23.18 7.51 15.29
N LYS A 468 24.38 7.59 14.71
CA LYS A 468 25.40 8.56 15.08
C LYS A 468 26.05 9.17 13.84
N PHE A 469 26.37 10.47 13.92
CA PHE A 469 27.02 11.21 12.84
C PHE A 469 28.28 11.87 13.38
N ALA A 470 29.37 11.78 12.63
CA ALA A 470 30.60 12.51 12.90
C ALA A 470 30.80 13.46 11.73
N ALA A 471 31.20 14.70 12.03
CA ALA A 471 31.27 15.74 11.01
C ALA A 471 32.29 16.83 11.30
N LYS A 472 32.70 17.53 10.24
CA LYS A 472 33.54 18.72 10.33
C LYS A 472 32.67 19.93 10.67
N LYS A 473 33.31 20.99 11.16
CA LYS A 473 32.63 22.24 11.53
C LYS A 473 31.89 22.87 10.34
N ASP A 474 32.38 22.64 9.12
CA ASP A 474 31.71 23.13 7.92
C ASP A 474 30.48 22.28 7.53
N GLY A 475 30.25 21.19 8.25
CA GLY A 475 29.09 20.34 8.02
C GLY A 475 29.35 19.07 7.22
N THR A 476 30.59 18.91 6.75
CA THR A 476 30.96 17.72 6.00
C THR A 476 30.86 16.49 6.88
N LEU A 477 29.94 15.60 6.54
CA LEU A 477 29.84 14.29 7.20
C LEU A 477 31.12 13.52 6.96
N LEU A 478 31.64 12.93 8.03
CA LEU A 478 32.86 12.13 7.95
C LEU A 478 32.60 10.64 8.18
N ALA A 479 31.65 10.34 9.07
CA ALA A 479 31.35 8.96 9.47
C ALA A 479 29.94 8.80 10.03
N MET A 480 29.46 7.56 10.01
CA MET A 480 28.19 7.20 10.65
C MET A 480 28.27 5.84 11.32
N GLU A 481 27.60 5.71 12.45
CA GLU A 481 27.38 4.44 13.12
C GLU A 481 25.89 4.18 13.32
N SER A 482 25.49 2.91 13.16
CA SER A 482 24.08 2.52 13.20
C SER A 482 23.85 1.17 13.88
N ASP A 483 22.79 1.09 14.66
CA ASP A 483 22.34 -0.16 15.24
C ASP A 483 20.82 -0.18 15.15
N TRP A 484 20.26 -1.22 14.55
CA TRP A 484 18.81 -1.35 14.48
C TRP A 484 18.33 -2.76 14.79
N LEU A 485 17.26 -2.84 15.57
CA LEU A 485 16.62 -4.10 15.92
C LEU A 485 15.21 -4.12 15.32
N VAL A 486 14.96 -5.08 14.44
CA VAL A 486 13.70 -5.19 13.73
C VAL A 486 12.79 -6.24 14.37
N ASP A 487 11.65 -5.79 14.86
CA ASP A 487 10.65 -6.67 15.46
C ASP A 487 9.73 -7.17 14.34
N HIS A 488 9.87 -8.44 14.00
CA HIS A 488 9.21 -8.99 12.80
C HIS A 488 8.03 -9.92 13.07
N GLY A 489 7.58 -9.99 14.31
CA GLY A 489 6.59 -10.96 14.70
C GLY A 489 7.14 -12.37 14.56
N PRO A 490 6.26 -13.37 14.57
CA PRO A 490 6.67 -14.78 14.59
C PRO A 490 7.04 -15.36 13.22
N TYR A 491 6.68 -14.69 12.14
CA TYR A 491 6.86 -15.26 10.82
C TYR A 491 7.94 -14.53 10.01
N SER A 492 8.92 -15.31 9.56
CA SER A 492 10.20 -14.80 9.07
C SER A 492 10.19 -14.19 7.68
N GLU A 493 9.13 -14.42 6.89
CA GLU A 493 9.10 -14.05 5.48
C GLU A 493 9.61 -12.62 5.23
N PHE A 494 10.71 -12.54 4.45
CA PHE A 494 11.35 -11.29 4.05
C PHE A 494 11.78 -10.40 5.23
N GLY A 495 11.88 -10.99 6.42
CA GLY A 495 12.37 -10.28 7.59
C GLY A 495 13.84 -9.90 7.49
N ASP A 496 14.66 -10.84 7.00
CA ASP A 496 16.07 -10.59 6.82
C ASP A 496 16.34 -9.52 5.78
N LEU A 497 15.57 -9.55 4.70
CA LEU A 497 15.66 -8.55 3.64
C LEU A 497 15.31 -7.15 4.14
N LEU A 498 14.25 -7.07 4.97
CA LEU A 498 13.85 -5.79 5.57
C LEU A 498 14.99 -5.22 6.40
N THR A 499 15.64 -6.11 7.16
CA THR A 499 16.78 -5.75 7.97
C THR A 499 17.90 -5.19 7.11
N LEU A 500 18.14 -5.83 5.97
CA LEU A 500 19.14 -5.38 5.00
C LEU A 500 18.86 -3.95 4.52
N ARG A 501 17.59 -3.56 4.43
CA ARG A 501 17.24 -2.20 4.01
C ARG A 501 17.83 -1.11 4.90
N GLY A 502 18.04 -1.43 6.18
CA GLY A 502 18.67 -0.52 7.12
C GLY A 502 20.12 -0.21 6.74
N ALA A 503 20.81 -1.22 6.22
CA ALA A 503 22.18 -1.04 5.74
C ALA A 503 22.24 -0.13 4.52
N GLN A 504 21.19 -0.18 3.69
CA GLN A 504 21.15 0.55 2.42
C GLN A 504 20.60 1.99 2.54
N PHE A 505 19.80 2.25 3.58
CA PHE A 505 19.03 3.49 3.62
C PHE A 505 19.18 4.39 4.86
N ILE A 506 19.73 3.85 5.95
CA ILE A 506 20.10 4.73 7.06
C ILE A 506 21.22 5.61 6.51
N GLY A 507 20.96 6.93 6.48
CA GLY A 507 21.93 7.89 5.99
C GLY A 507 21.92 8.09 4.47
N ALA A 508 20.97 7.46 3.78
CA ALA A 508 20.84 7.67 2.34
C ALA A 508 20.62 9.15 2.00
N GLY A 509 21.19 9.58 0.89
CA GLY A 509 21.08 10.96 0.44
C GLY A 509 22.40 11.72 0.47
N TYR A 510 23.33 11.27 1.30
CA TYR A 510 24.56 12.02 1.53
C TYR A 510 25.82 11.19 1.30
N ASN A 511 26.90 11.85 0.89
CA ASN A 511 28.18 11.16 0.85
C ASN A 511 28.69 10.90 2.26
N ILE A 512 28.72 9.62 2.65
CA ILE A 512 29.24 9.21 3.95
C ILE A 512 30.23 8.10 3.73
N PRO A 513 31.53 8.46 3.70
CA PRO A 513 32.57 7.52 3.27
C PRO A 513 32.86 6.39 4.29
N ASN A 514 32.50 6.60 5.56
CA ASN A 514 32.83 5.63 6.60
C ASN A 514 31.62 5.26 7.46
N ILE A 515 31.25 3.98 7.39
CA ILE A 515 30.08 3.48 8.12
C ILE A 515 30.43 2.17 8.82
N ARG A 516 30.05 2.07 10.09
CA ARG A 516 30.02 0.81 10.80
C ARG A 516 28.64 0.68 11.45
N GLY A 517 27.90 -0.33 11.03
CA GLY A 517 26.56 -0.56 11.57
C GLY A 517 26.19 -2.01 11.63
N LEU A 518 25.13 -2.30 12.40
CA LEU A 518 24.61 -3.66 12.52
C LEU A 518 23.10 -3.66 12.70
N GLY A 519 22.42 -4.38 11.81
CA GLY A 519 20.99 -4.65 11.94
C GLY A 519 20.71 -6.05 12.44
N ARG A 520 19.67 -6.17 13.25
CA ARG A 520 19.26 -7.46 13.81
C ARG A 520 17.78 -7.71 13.62
N THR A 521 17.43 -8.92 13.19
CA THR A 521 16.04 -9.36 13.07
C THR A 521 15.66 -10.25 14.23
N VAL A 522 14.49 -9.98 14.83
CA VAL A 522 14.03 -10.77 15.98
C VAL A 522 12.56 -11.19 15.86
N ALA A 523 12.32 -12.46 16.16
CA ALA A 523 10.96 -13.01 16.21
C ALA A 523 10.29 -12.59 17.50
N THR A 524 9.04 -12.13 17.41
CA THR A 524 8.22 -11.85 18.60
C THR A 524 6.84 -12.51 18.47
N ASN A 525 6.01 -12.36 19.50
CA ASN A 525 4.62 -12.79 19.44
C ASN A 525 3.64 -11.67 19.09
N HIS A 526 4.15 -10.55 18.61
CA HIS A 526 3.28 -9.50 18.10
C HIS A 526 3.03 -9.77 16.62
N VAL A 527 2.17 -8.99 15.97
CA VAL A 527 1.82 -9.25 14.58
C VAL A 527 3.05 -9.43 13.71
N TRP A 528 3.01 -10.45 12.84
CA TRP A 528 4.12 -10.72 11.93
C TRP A 528 4.33 -9.57 10.94
N GLY A 529 5.56 -9.43 10.47
CA GLY A 529 5.94 -8.35 9.59
C GLY A 529 5.64 -8.62 8.13
N SER A 530 4.83 -7.76 7.53
CA SER A 530 4.66 -7.70 6.08
C SER A 530 5.12 -6.34 5.59
N ALA A 531 5.64 -6.30 4.38
CA ALA A 531 6.06 -5.03 3.78
C ALA A 531 4.98 -3.95 3.98
N PHE A 532 5.42 -2.72 4.29
CA PHE A 532 4.55 -1.56 4.27
C PHE A 532 5.28 -0.50 3.47
N ARG A 533 4.61 -0.03 2.41
CA ARG A 533 5.06 1.07 1.56
C ARG A 533 6.23 1.84 2.17
N GLY A 534 7.41 1.68 1.57
CA GLY A 534 8.63 2.25 2.09
C GLY A 534 9.58 1.19 2.61
N TYR A 535 9.02 0.12 3.20
CA TYR A 535 9.75 -1.11 3.51
C TYR A 535 11.20 -0.88 3.96
N GLY A 536 11.37 -0.44 5.21
CA GLY A 536 12.69 -0.16 5.74
C GLY A 536 13.11 1.30 5.69
N ALA A 537 12.72 2.01 4.63
CA ALA A 537 13.03 3.44 4.51
C ALA A 537 12.40 4.29 5.62
N PRO A 538 11.08 4.18 5.84
CA PRO A 538 10.40 5.01 6.85
C PRO A 538 11.04 4.91 8.22
N GLN A 539 11.54 3.73 8.57
CA GLN A 539 12.26 3.52 9.81
C GLN A 539 13.63 4.17 9.71
N SER A 540 14.40 3.75 8.69
CA SER A 540 15.80 4.14 8.51
C SER A 540 15.97 5.63 8.41
N MET A 541 15.20 6.21 7.49
CA MET A 541 15.37 7.61 7.14
C MET A 541 14.73 8.52 8.19
N PHE A 542 13.78 7.99 8.96
CA PHE A 542 13.29 8.76 10.10
C PHE A 542 14.45 9.03 11.05
N ALA A 543 15.28 8.00 11.27
CA ALA A 543 16.37 8.11 12.21
C ALA A 543 17.45 9.04 11.67
N SER A 544 17.85 8.83 10.41
CA SER A 544 18.95 9.59 9.85
C SER A 544 18.58 11.03 9.48
N GLU A 545 17.32 11.26 9.12
CA GLU A 545 16.86 12.59 8.73
C GLU A 545 16.53 13.47 9.93
N CYS A 546 16.17 12.85 11.06
CA CYS A 546 15.97 13.57 12.31
C CYS A 546 17.34 13.90 12.88
N LEU A 547 18.27 12.95 12.77
CA LEU A 547 19.64 13.16 13.22
C LEU A 547 20.36 14.23 12.40
N MET A 548 20.00 14.36 11.12
CA MET A 548 20.56 15.44 10.31
C MET A 548 20.18 16.82 10.88
N ASP A 549 18.96 16.93 11.39
CA ASP A 549 18.51 18.18 12.00
C ASP A 549 19.17 18.41 13.34
N MET A 550 19.49 17.34 14.05
CA MET A 550 20.20 17.44 15.31
C MET A 550 21.64 17.91 15.07
N LEU A 551 22.29 17.34 14.05
CA LEU A 551 23.63 17.76 13.64
C LEU A 551 23.67 19.23 13.24
N ALA A 552 22.67 19.66 12.47
CA ALA A 552 22.53 21.05 12.05
C ALA A 552 22.41 22.02 13.24
N GLU A 553 21.54 21.65 14.21
CA GLU A 553 21.35 22.46 15.42
C GLU A 553 22.64 22.59 16.22
N LYS A 554 23.38 21.49 16.31
CA LYS A 554 24.67 21.49 17.02
C LYS A 554 25.73 22.32 16.31
N LEU A 555 25.67 22.36 14.98
CA LEU A 555 26.62 23.14 14.17
C LEU A 555 26.27 24.62 14.12
N GLY A 556 25.02 24.95 14.41
CA GLY A 556 24.50 26.30 14.25
C GLY A 556 24.17 26.59 12.79
N MET A 557 23.81 25.53 12.07
CA MET A 557 23.58 25.60 10.63
C MET A 557 22.12 25.34 10.27
N ASP A 558 21.67 26.00 9.21
CA ASP A 558 20.35 25.74 8.63
C ASP A 558 20.27 24.27 8.17
N PRO A 559 19.22 23.55 8.59
CA PRO A 559 19.07 22.13 8.25
C PRO A 559 19.05 21.86 6.74
N LEU A 560 18.44 22.75 5.96
CA LEU A 560 18.45 22.61 4.51
C LEU A 560 19.85 22.81 3.93
N GLU A 561 20.56 23.81 4.45
CA GLU A 561 21.93 24.10 4.02
C GLU A 561 22.89 22.95 4.34
N LEU A 562 22.70 22.29 5.49
CA LEU A 562 23.54 21.16 5.86
C LEU A 562 23.35 20.02 4.88
N ARG A 563 22.12 19.83 4.44
CA ARG A 563 21.79 18.83 3.44
C ARG A 563 22.37 19.19 2.06
N TYR A 564 22.28 20.46 1.70
CA TYR A 564 22.84 20.94 0.42
C TYR A 564 24.32 20.61 0.35
N LYS A 565 24.99 20.76 1.49
CA LYS A 565 26.42 20.52 1.61
C LYS A 565 26.80 19.06 1.35
N ASN A 566 25.98 18.12 1.85
CA ASN A 566 26.34 16.71 1.86
C ASN A 566 25.68 15.85 0.77
N ALA A 567 24.69 16.41 0.09
CA ALA A 567 23.89 15.69 -0.91
C ALA A 567 24.72 15.10 -2.06
N TYR A 568 24.29 13.93 -2.55
CA TYR A 568 24.98 13.22 -3.64
C TYR A 568 25.39 14.12 -4.80
N ARG A 569 26.67 14.08 -5.12
CA ARG A 569 27.25 14.77 -6.28
C ARG A 569 28.18 13.79 -6.97
N PRO A 570 28.46 13.99 -8.27
CA PRO A 570 29.32 13.07 -9.02
C PRO A 570 30.60 12.72 -8.28
N GLY A 571 30.88 11.43 -8.14
CA GLY A 571 32.04 10.97 -7.39
C GLY A 571 31.69 10.32 -6.05
N ASP A 572 30.52 10.67 -5.51
CA ASP A 572 30.06 10.13 -4.23
C ASP A 572 29.48 8.73 -4.39
N THR A 573 29.42 7.98 -3.30
CA THR A 573 28.69 6.72 -3.26
C THR A 573 27.63 6.70 -2.15
N ASN A 574 26.58 5.90 -2.35
CA ASN A 574 25.57 5.63 -1.33
C ASN A 574 26.13 4.68 -0.25
N PRO A 575 25.36 4.38 0.81
CA PRO A 575 25.91 3.59 1.92
C PRO A 575 26.46 2.20 1.52
N THR A 576 25.93 1.57 0.46
CA THR A 576 26.46 0.28 0.01
C THR A 576 27.62 0.41 -1.00
N GLY A 577 28.15 1.62 -1.15
CA GLY A 577 29.36 1.84 -1.93
C GLY A 577 29.13 2.02 -3.42
N GLN A 578 27.87 2.24 -3.79
CA GLN A 578 27.46 2.35 -5.18
C GLN A 578 27.27 3.81 -5.58
N GLU A 579 27.60 4.12 -6.83
CA GLU A 579 27.38 5.45 -7.38
C GLU A 579 25.91 5.65 -7.68
N PRO A 580 25.35 6.79 -7.26
CA PRO A 580 24.03 7.23 -7.73
C PRO A 580 24.00 7.31 -9.26
N GLU A 581 22.84 7.04 -9.84
CA GLU A 581 22.70 6.95 -11.29
C GLU A 581 22.38 8.32 -11.89
N VAL A 582 21.71 9.16 -11.09
CA VAL A 582 21.50 10.57 -11.39
C VAL A 582 21.84 11.38 -10.14
N PHE A 583 21.96 12.69 -10.31
CA PHE A 583 22.34 13.58 -9.23
C PHE A 583 21.41 14.78 -9.20
N SER A 584 20.26 14.60 -8.57
CA SER A 584 19.19 15.59 -8.63
C SER A 584 18.87 16.28 -7.30
N LEU A 585 19.55 15.88 -6.22
CA LEU A 585 19.25 16.42 -4.89
C LEU A 585 19.64 17.90 -4.72
N PRO A 586 20.87 18.29 -5.10
CA PRO A 586 21.24 19.72 -5.12
C PRO A 586 20.27 20.58 -5.95
N ASP A 587 19.83 20.07 -7.09
CA ASP A 587 18.87 20.75 -7.97
C ASP A 587 17.53 20.98 -7.25
N MET A 588 17.05 19.93 -6.58
CA MET A 588 15.79 19.97 -5.85
C MET A 588 15.87 20.89 -4.62
N ILE A 589 16.98 20.83 -3.89
CA ILE A 589 17.20 21.71 -2.75
C ILE A 589 17.20 23.19 -3.19
N ASP A 590 17.99 23.51 -4.22
CA ASP A 590 18.05 24.88 -4.77
C ASP A 590 16.68 25.43 -5.14
N GLN A 591 15.85 24.59 -5.75
CA GLN A 591 14.51 25.00 -6.17
C GLN A 591 13.52 25.11 -5.01
N LEU A 592 13.78 24.36 -3.93
CA LEU A 592 12.94 24.42 -2.74
C LEU A 592 13.32 25.58 -1.83
N ARG A 593 14.60 25.96 -1.83
CA ARG A 593 15.14 26.95 -0.90
C ARG A 593 14.28 28.20 -0.67
N PRO A 594 13.94 28.96 -1.72
CA PRO A 594 13.07 30.13 -1.53
C PRO A 594 11.69 29.80 -0.94
N LYS A 595 11.08 28.67 -1.33
CA LYS A 595 9.81 28.24 -0.76
C LYS A 595 9.95 27.96 0.73
N TYR A 596 11.11 27.41 1.10
CA TYR A 596 11.46 27.11 2.48
C TYR A 596 11.72 28.38 3.30
N GLN A 597 12.48 29.32 2.75
CA GLN A 597 12.70 30.62 3.42
C GLN A 597 11.37 31.34 3.65
N ALA A 598 10.53 31.35 2.62
CA ALA A 598 9.20 31.96 2.68
C ALA A 598 8.29 31.29 3.71
N ALA A 599 8.47 29.98 3.91
CA ALA A 599 7.69 29.23 4.89
C ALA A 599 8.18 29.52 6.31
N LEU A 600 9.49 29.65 6.48
CA LEU A 600 10.07 30.07 7.76
C LEU A 600 9.54 31.43 8.19
N GLU A 601 9.51 32.38 7.24
CA GLU A 601 9.05 33.75 7.49
C GLU A 601 7.59 33.75 7.92
N LYS A 602 6.76 33.04 7.17
CA LYS A 602 5.34 32.86 7.49
C LYS A 602 5.16 32.25 8.88
N ALA A 603 5.91 31.19 9.17
CA ALA A 603 5.82 30.49 10.45
C ALA A 603 6.09 31.41 11.65
N GLN A 604 7.12 32.24 11.54
CA GLN A 604 7.48 33.17 12.62
C GLN A 604 6.43 34.27 12.78
N LYS A 605 6.01 34.84 11.66
CA LYS A 605 5.00 35.90 11.63
C LYS A 605 3.63 35.42 12.15
N GLU A 606 3.23 34.21 11.77
CA GLU A 606 1.88 33.75 12.08
C GLU A 606 1.77 32.93 13.37
N SER A 607 2.91 32.66 14.01
CA SER A 607 2.94 32.03 15.33
C SER A 607 2.28 32.93 16.38
N THR A 608 1.55 32.32 17.31
CA THR A 608 1.06 33.00 18.51
C THR A 608 1.67 32.33 19.73
N ALA A 609 1.23 32.75 20.92
CA ALA A 609 1.75 32.20 22.17
C ALA A 609 1.19 30.79 22.45
N THR A 610 0.01 30.51 21.91
CA THR A 610 -0.67 29.23 22.12
C THR A 610 -0.57 28.28 20.91
N HIS A 611 -0.40 28.85 19.71
CA HIS A 611 -0.30 28.06 18.48
C HIS A 611 1.00 28.34 17.73
N LYS A 612 1.98 27.46 17.93
CA LYS A 612 3.33 27.67 17.39
C LYS A 612 3.52 26.97 16.04
N LYS A 613 4.01 27.73 15.06
CA LYS A 613 4.19 27.22 13.71
C LYS A 613 5.64 26.88 13.42
N GLY A 614 5.84 25.84 12.62
CA GLY A 614 7.18 25.38 12.30
C GLY A 614 7.33 24.79 10.91
N VAL A 615 8.58 24.68 10.46
CA VAL A 615 8.91 24.14 9.15
C VAL A 615 10.02 23.10 9.29
N GLY A 616 9.76 21.91 8.73
CA GLY A 616 10.71 20.81 8.75
C GLY A 616 11.04 20.30 7.37
N ILE A 617 12.27 19.83 7.23
CA ILE A 617 12.80 19.38 5.96
C ILE A 617 13.32 17.95 6.16
N SER A 618 13.12 17.12 5.15
CA SER A 618 13.81 15.83 5.07
C SER A 618 14.07 15.44 3.60
N ILE A 619 14.99 14.50 3.42
CA ILE A 619 15.28 13.90 2.13
C ILE A 619 14.75 12.47 2.12
N GLY A 620 14.35 12.00 0.95
CA GLY A 620 13.91 10.62 0.78
C GLY A 620 14.65 9.91 -0.35
N VAL A 621 15.08 8.68 -0.09
CA VAL A 621 15.69 7.85 -1.13
C VAL A 621 15.13 6.43 -1.06
N TYR A 622 14.82 5.85 -2.21
CA TYR A 622 14.48 4.42 -2.28
C TYR A 622 14.77 3.80 -3.65
N GLY A 623 15.03 2.50 -3.65
CA GLY A 623 15.27 1.79 -4.89
C GLY A 623 14.00 1.46 -5.65
N SER A 624 14.14 1.33 -6.97
CA SER A 624 13.08 0.84 -7.84
C SER A 624 13.54 -0.51 -8.37
N GLY A 625 12.96 -1.57 -7.82
CA GLY A 625 13.37 -2.93 -8.12
C GLY A 625 13.45 -3.80 -6.88
N LEU A 626 13.48 -5.11 -7.06
CA LEU A 626 13.91 -6.03 -6.00
C LEU A 626 15.43 -6.15 -6.09
N ASP A 627 16.06 -6.60 -5.00
CA ASP A 627 17.53 -6.64 -4.92
C ASP A 627 18.17 -7.50 -5.99
N GLY A 628 19.23 -6.95 -6.59
CA GLY A 628 20.03 -7.71 -7.54
C GLY A 628 19.50 -7.56 -8.96
N PRO A 629 19.89 -8.49 -9.84
CA PRO A 629 19.54 -8.39 -11.25
C PRO A 629 18.08 -8.83 -11.51
N ASP A 630 17.17 -8.00 -11.00
CA ASP A 630 15.73 -8.17 -11.15
C ASP A 630 15.34 -8.19 -12.62
N ALA A 631 14.24 -8.86 -12.94
CA ALA A 631 13.79 -9.01 -14.33
C ALA A 631 12.28 -9.09 -14.47
N SER A 632 11.79 -8.72 -15.65
CA SER A 632 10.37 -8.84 -15.95
C SER A 632 10.16 -9.36 -17.37
N GLU A 633 8.93 -9.76 -17.66
CA GLU A 633 8.53 -10.27 -18.98
C GLU A 633 7.13 -9.77 -19.33
N ALA A 634 6.94 -9.43 -20.60
CA ALA A 634 5.65 -8.99 -21.13
C ALA A 634 5.43 -9.60 -22.52
N TRP A 635 4.17 -9.76 -22.91
CA TRP A 635 3.83 -10.23 -24.25
C TRP A 635 2.96 -9.21 -24.99
N ALA A 636 3.42 -8.75 -26.15
CA ALA A 636 2.59 -7.86 -26.98
C ALA A 636 1.93 -8.63 -28.13
N GLU A 637 0.61 -8.63 -28.15
CA GLU A 637 -0.17 -9.44 -29.09
C GLU A 637 -1.13 -8.58 -29.88
N LEU A 638 -1.00 -8.63 -31.20
CA LEU A 638 -1.96 -8.02 -32.11
C LEU A 638 -3.14 -8.98 -32.22
N ASN A 639 -4.34 -8.50 -31.92
CA ASN A 639 -5.54 -9.34 -31.99
C ASN A 639 -6.28 -9.17 -33.31
N ALA A 640 -7.25 -10.03 -33.57
CA ALA A 640 -7.97 -10.04 -34.85
C ALA A 640 -8.63 -8.71 -35.18
N ASP A 641 -9.22 -8.07 -34.17
CA ASP A 641 -9.96 -6.82 -34.33
C ASP A 641 -9.06 -5.57 -34.44
N GLY A 642 -7.75 -5.79 -34.52
CA GLY A 642 -6.80 -4.71 -34.66
C GLY A 642 -6.37 -4.06 -33.35
N THR A 643 -6.87 -4.57 -32.21
CA THR A 643 -6.40 -4.12 -30.91
C THR A 643 -5.11 -4.86 -30.51
N ILE A 644 -4.45 -4.37 -29.48
CA ILE A 644 -3.23 -4.98 -28.96
C ILE A 644 -3.39 -5.23 -27.48
N THR A 645 -3.16 -6.47 -27.06
CA THR A 645 -3.15 -6.84 -25.65
C THR A 645 -1.70 -6.92 -25.19
N VAL A 646 -1.41 -6.25 -24.06
CA VAL A 646 -0.11 -6.38 -23.42
C VAL A 646 -0.27 -7.25 -22.17
N HIS A 647 0.18 -8.50 -22.28
CA HIS A 647 0.05 -9.46 -21.19
C HIS A 647 1.17 -9.28 -20.19
N THR A 648 0.79 -8.99 -18.94
CA THR A 648 1.73 -8.92 -17.82
C THR A 648 1.05 -9.43 -16.56
N ALA A 649 1.86 -9.71 -15.55
CA ALA A 649 1.36 -9.95 -14.20
C ALA A 649 1.74 -8.75 -13.33
N TRP A 650 1.40 -7.56 -13.84
CA TRP A 650 1.56 -6.30 -13.13
C TRP A 650 0.37 -6.15 -12.20
N GLU A 651 0.58 -6.47 -10.92
CA GLU A 651 -0.49 -6.48 -9.93
C GLU A 651 -0.89 -5.07 -9.51
N ASP A 652 -2.19 -4.83 -9.51
CA ASP A 652 -2.76 -3.52 -9.23
C ASP A 652 -3.31 -3.50 -7.80
N HIS A 653 -2.54 -2.90 -6.88
CA HIS A 653 -3.03 -2.55 -5.55
C HIS A 653 -4.13 -1.48 -5.71
N GLY A 654 -4.08 -0.77 -6.83
CA GLY A 654 -4.81 0.48 -7.00
C GLY A 654 -3.90 1.60 -7.49
N GLN A 655 -2.60 1.36 -7.50
CA GLN A 655 -1.61 2.39 -7.89
C GLN A 655 -1.75 2.85 -9.36
N GLY A 656 -2.32 1.98 -10.20
CA GLY A 656 -2.46 2.25 -11.62
C GLY A 656 -1.68 1.32 -12.55
N ALA A 657 -1.67 0.02 -12.26
CA ALA A 657 -1.04 -0.99 -13.13
C ALA A 657 -1.58 -0.93 -14.56
N ASP A 658 -2.89 -0.66 -14.67
CA ASP A 658 -3.56 -0.56 -15.94
C ASP A 658 -3.09 0.64 -16.76
N ILE A 659 -2.98 1.80 -16.14
CA ILE A 659 -2.49 2.98 -16.85
C ILE A 659 -0.99 2.94 -17.12
N GLY A 660 -0.23 2.30 -16.23
CA GLY A 660 1.19 2.10 -16.46
C GLY A 660 1.46 1.24 -17.69
N CYS A 661 0.71 0.16 -17.82
CA CYS A 661 0.76 -0.71 -18.99
C CYS A 661 0.36 0.05 -20.25
N VAL A 662 -0.81 0.68 -20.24
CA VAL A 662 -1.33 1.37 -21.41
C VAL A 662 -0.44 2.56 -21.82
N GLY A 663 0.02 3.32 -20.83
CA GLY A 663 0.89 4.46 -21.06
C GLY A 663 2.24 4.10 -21.64
N THR A 664 2.91 3.10 -21.06
CA THR A 664 4.21 2.63 -21.55
C THR A 664 4.10 1.99 -22.93
N ALA A 665 3.08 1.14 -23.11
CA ALA A 665 2.84 0.48 -24.39
C ALA A 665 2.57 1.49 -25.50
N HIS A 666 1.74 2.49 -25.22
CA HIS A 666 1.41 3.50 -26.23
C HIS A 666 2.65 4.26 -26.70
N GLU A 667 3.50 4.66 -25.78
CA GLU A 667 4.73 5.35 -26.13
C GLU A 667 5.64 4.48 -27.02
N ALA A 668 5.74 3.20 -26.65
CA ALA A 668 6.56 2.26 -27.40
C ALA A 668 5.98 1.92 -28.77
N LEU A 669 4.66 2.08 -28.92
CA LEU A 669 3.98 1.73 -30.16
C LEU A 669 3.73 2.90 -31.11
N ARG A 670 4.16 4.10 -30.71
CA ARG A 670 3.94 5.33 -31.48
C ARG A 670 4.25 5.26 -32.99
N PRO A 671 5.35 4.62 -33.41
CA PRO A 671 5.64 4.46 -34.84
C PRO A 671 4.51 3.80 -35.65
N MET A 672 3.78 2.88 -35.02
CA MET A 672 2.64 2.21 -35.64
C MET A 672 1.33 3.00 -35.49
N GLY A 673 1.39 4.13 -34.78
CA GLY A 673 0.23 4.98 -34.54
C GLY A 673 -0.95 4.26 -33.91
N VAL A 674 -0.73 3.65 -32.75
CA VAL A 674 -1.77 2.86 -32.07
C VAL A 674 -2.50 3.71 -31.01
N ALA A 675 -3.81 3.88 -31.19
CA ALA A 675 -4.63 4.65 -30.26
C ALA A 675 -4.66 3.99 -28.88
N PRO A 676 -4.61 4.79 -27.82
CA PRO A 676 -4.57 4.25 -26.45
C PRO A 676 -5.78 3.40 -26.09
N GLU A 677 -6.96 3.72 -26.63
CA GLU A 677 -8.19 2.96 -26.35
C GLU A 677 -8.16 1.56 -26.96
N LYS A 678 -7.21 1.32 -27.85
CA LYS A 678 -7.04 0.02 -28.51
C LYS A 678 -6.01 -0.86 -27.78
N ILE A 679 -5.48 -0.37 -26.67
CA ILE A 679 -4.46 -1.10 -25.94
C ILE A 679 -5.04 -1.70 -24.66
N LYS A 680 -4.97 -3.03 -24.55
CA LYS A 680 -5.56 -3.75 -23.43
C LYS A 680 -4.51 -4.29 -22.48
N PHE A 681 -4.85 -4.29 -21.19
CA PHE A 681 -4.03 -4.87 -20.14
C PHE A 681 -4.62 -6.20 -19.67
N THR A 682 -3.86 -6.98 -18.91
CA THR A 682 -4.37 -8.24 -18.35
C THR A 682 -4.28 -8.28 -16.83
N TRP A 683 -5.36 -8.77 -16.22
CA TRP A 683 -5.32 -9.11 -14.79
C TRP A 683 -4.30 -10.24 -14.56
N PRO A 684 -3.51 -10.13 -13.50
CA PRO A 684 -2.50 -11.14 -13.17
C PRO A 684 -3.08 -12.54 -12.99
N ASN A 685 -2.46 -13.52 -13.62
CA ASN A 685 -2.88 -14.92 -13.61
C ASN A 685 -1.63 -15.77 -13.87
N THR A 686 -1.29 -16.65 -12.94
CA THR A 686 -0.05 -17.44 -13.04
C THR A 686 0.01 -18.39 -14.25
N ALA A 687 -1.14 -18.77 -14.78
CA ALA A 687 -1.19 -19.70 -15.91
C ALA A 687 -1.15 -18.99 -17.26
N THR A 688 -1.68 -17.78 -17.35
CA THR A 688 -1.89 -17.10 -18.63
C THR A 688 -1.15 -15.78 -18.80
N THR A 689 -0.45 -15.33 -17.76
CA THR A 689 0.42 -14.17 -17.88
C THR A 689 1.86 -14.55 -17.50
N PRO A 690 2.84 -13.84 -18.05
CA PRO A 690 4.25 -14.10 -17.73
C PRO A 690 4.65 -13.67 -16.31
N ASN A 691 5.79 -14.18 -15.84
CA ASN A 691 6.28 -13.79 -14.54
C ASN A 691 6.90 -12.40 -14.57
N SER A 692 6.04 -11.38 -14.55
CA SER A 692 6.46 -9.97 -14.50
C SER A 692 7.02 -9.57 -13.13
N GLY A 693 6.80 -10.42 -12.13
CA GLY A 693 7.24 -10.16 -10.77
C GLY A 693 6.17 -9.47 -9.92
N PRO A 694 6.42 -9.33 -8.62
CA PRO A 694 5.44 -8.72 -7.71
C PRO A 694 5.42 -7.19 -7.80
N SER A 695 4.31 -6.58 -7.43
CA SER A 695 4.24 -5.14 -7.32
C SER A 695 4.77 -4.74 -5.95
N GLY A 696 6.08 -4.89 -5.77
CA GLY A 696 6.75 -4.53 -4.54
C GLY A 696 8.03 -3.82 -4.89
N GLY A 697 8.59 -3.05 -3.96
CA GLY A 697 9.82 -2.32 -4.19
C GLY A 697 9.75 -1.27 -5.29
N SER A 698 8.58 -0.65 -5.46
CA SER A 698 8.35 0.35 -6.51
C SER A 698 9.01 -0.03 -7.84
N ARG A 699 8.79 -1.27 -8.27
CA ARG A 699 9.57 -1.87 -9.35
C ARG A 699 8.89 -1.97 -10.70
N GLN A 700 7.56 -1.92 -10.72
CA GLN A 700 6.85 -2.34 -11.93
C GLN A 700 7.07 -1.42 -13.13
N GLN A 701 6.92 -0.11 -12.93
CA GLN A 701 7.15 0.86 -14.00
C GLN A 701 8.52 0.70 -14.66
N VAL A 702 9.55 0.43 -13.86
CA VAL A 702 10.91 0.21 -14.36
C VAL A 702 11.05 -1.18 -14.98
N MET A 703 10.77 -2.21 -14.19
CA MET A 703 11.01 -3.60 -14.60
C MET A 703 10.05 -4.05 -15.68
N THR A 704 8.76 -3.98 -15.39
CA THR A 704 7.73 -4.40 -16.33
C THR A 704 7.55 -3.36 -17.44
N GLY A 705 7.72 -2.08 -17.09
CA GLY A 705 7.67 -1.02 -18.08
C GLY A 705 8.70 -1.25 -19.18
N ASN A 706 9.93 -1.57 -18.78
CA ASN A 706 10.97 -1.95 -19.74
C ASN A 706 10.58 -3.19 -20.55
N ALA A 707 10.10 -4.23 -19.86
CA ALA A 707 9.67 -5.46 -20.51
C ALA A 707 8.55 -5.21 -21.52
N ILE A 708 7.61 -4.32 -21.16
CA ILE A 708 6.52 -3.92 -22.06
C ILE A 708 7.06 -3.16 -23.25
N ARG A 709 8.05 -2.30 -23.00
CA ARG A 709 8.67 -1.51 -24.06
C ARG A 709 9.41 -2.43 -25.05
N VAL A 710 10.16 -3.39 -24.52
CA VAL A 710 10.88 -4.36 -25.33
C VAL A 710 9.91 -5.22 -26.14
N ALA A 711 8.86 -5.73 -25.49
CA ALA A 711 7.82 -6.52 -26.15
C ALA A 711 7.17 -5.75 -27.30
N CYS A 712 6.87 -4.48 -27.05
CA CYS A 712 6.25 -3.62 -28.05
C CYS A 712 7.21 -3.27 -29.18
N GLU A 713 8.47 -3.03 -28.84
CA GLU A 713 9.52 -2.83 -29.85
C GLU A 713 9.62 -4.07 -30.75
N ASN A 714 9.56 -5.25 -30.16
CA ASN A 714 9.63 -6.50 -30.92
C ASN A 714 8.40 -6.77 -31.78
N LEU A 715 7.23 -6.34 -31.30
CA LEU A 715 5.99 -6.43 -32.08
C LEU A 715 6.03 -5.53 -33.31
N LEU A 716 6.67 -4.36 -33.18
CA LEU A 716 6.84 -3.44 -34.30
C LEU A 716 7.66 -4.10 -35.41
N LYS A 717 8.79 -4.70 -35.03
CA LYS A 717 9.65 -5.45 -35.96
C LYS A 717 8.88 -6.59 -36.66
N ALA A 718 8.07 -7.31 -35.89
CA ALA A 718 7.25 -8.39 -36.42
C ALA A 718 6.16 -7.89 -37.39
N CYS A 719 5.72 -6.66 -37.21
CA CYS A 719 4.66 -6.04 -38.02
C CYS A 719 5.21 -5.19 -39.16
N GLU A 720 6.50 -4.85 -39.06
CA GLU A 720 7.18 -4.01 -40.05
C GLU A 720 7.05 -4.58 -41.47
N LYS A 721 6.54 -3.73 -42.35
CA LYS A 721 6.44 -4.02 -43.77
C LYS A 721 7.75 -3.61 -44.42
N PRO A 722 8.28 -4.45 -45.32
CA PRO A 722 9.46 -4.08 -46.11
C PRO A 722 9.10 -2.86 -46.96
N GLY A 723 9.98 -1.86 -46.98
CA GLY A 723 9.74 -0.64 -47.71
C GLY A 723 8.95 0.42 -46.94
N GLY A 724 8.77 0.21 -45.63
CA GLY A 724 8.08 1.16 -44.78
C GLY A 724 6.62 0.84 -44.54
N GLY A 725 6.13 1.16 -43.35
CA GLY A 725 4.76 0.86 -42.95
C GLY A 725 4.62 -0.44 -42.18
N TYR A 726 3.37 -0.85 -41.94
CA TYR A 726 3.09 -2.00 -41.07
C TYR A 726 2.00 -2.91 -41.63
N TYR A 727 2.20 -4.22 -41.45
CA TYR A 727 1.21 -5.22 -41.83
C TYR A 727 0.00 -5.19 -40.88
N THR A 728 -1.13 -5.70 -41.37
CA THR A 728 -2.33 -5.87 -40.55
C THR A 728 -2.32 -7.26 -39.94
N TYR A 729 -3.29 -7.53 -39.06
CA TYR A 729 -3.43 -8.86 -38.46
C TYR A 729 -3.68 -9.90 -39.55
N ASP A 730 -4.66 -9.61 -40.41
CA ASP A 730 -5.09 -10.53 -41.47
C ASP A 730 -3.95 -10.88 -42.42
N GLU A 731 -3.15 -9.86 -42.75
CA GLU A 731 -2.00 -10.04 -43.63
C GLU A 731 -0.95 -10.94 -42.98
N LEU A 732 -0.72 -10.72 -41.69
CA LEU A 732 0.27 -11.49 -40.94
C LEU A 732 -0.11 -12.96 -40.77
N LYS A 733 -1.39 -13.22 -40.49
CA LYS A 733 -1.87 -14.58 -40.29
C LYS A 733 -1.91 -15.38 -41.60
N ALA A 734 -2.28 -14.69 -42.68
CA ALA A 734 -2.32 -15.30 -44.01
C ALA A 734 -0.91 -15.73 -44.43
N ALA A 735 0.09 -14.97 -43.99
CA ALA A 735 1.49 -15.27 -44.26
C ALA A 735 2.07 -16.24 -43.23
N ASP A 736 1.20 -16.74 -42.35
CA ASP A 736 1.58 -17.65 -41.24
C ASP A 736 2.69 -17.04 -40.34
N LYS A 737 2.63 -15.73 -40.14
CA LYS A 737 3.58 -15.02 -39.28
C LYS A 737 3.05 -14.89 -37.83
N PRO A 738 3.94 -14.87 -36.84
CA PRO A 738 3.54 -14.74 -35.43
C PRO A 738 2.93 -13.37 -35.11
N THR A 739 1.99 -13.33 -34.17
CA THR A 739 1.29 -12.09 -33.79
C THR A 739 1.38 -11.81 -32.27
N LYS A 740 1.93 -12.76 -31.54
CA LYS A 740 2.11 -12.64 -30.09
C LYS A 740 3.61 -12.67 -29.81
N ILE A 741 4.14 -11.53 -29.36
CA ILE A 741 5.58 -11.37 -29.23
C ILE A 741 6.06 -11.16 -27.80
N THR A 742 7.12 -11.87 -27.44
CA THR A 742 7.71 -11.79 -26.12
C THR A 742 8.72 -10.65 -26.02
N GLY A 743 8.80 -10.07 -24.83
CA GLY A 743 9.86 -9.15 -24.47
C GLY A 743 10.29 -9.42 -23.04
N ASN A 744 11.60 -9.43 -22.82
CA ASN A 744 12.14 -9.48 -21.47
C ASN A 744 13.04 -8.29 -21.20
N TRP A 745 13.26 -7.98 -19.93
CA TRP A 745 14.26 -7.00 -19.52
C TRP A 745 14.86 -7.38 -18.18
N THR A 746 16.14 -7.09 -18.03
CA THR A 746 16.88 -7.41 -16.81
C THR A 746 17.72 -6.21 -16.35
N ALA A 747 17.68 -5.94 -15.04
CA ALA A 747 18.58 -4.96 -14.43
C ALA A 747 19.97 -5.56 -14.35
N SER A 748 20.62 -5.63 -15.51
CA SER A 748 21.89 -6.37 -15.69
C SER A 748 23.04 -5.96 -14.75
N GLY A 749 23.18 -4.66 -14.49
CA GLY A 749 24.33 -4.15 -13.75
C GLY A 749 24.19 -4.18 -12.23
N ALA A 750 23.17 -4.86 -11.73
CA ALA A 750 22.91 -4.87 -10.30
C ALA A 750 23.50 -6.10 -9.63
N THR A 751 23.86 -5.95 -8.36
CA THR A 751 24.38 -7.06 -7.57
C THR A 751 23.75 -7.03 -6.20
N HIS A 752 23.69 -8.21 -5.58
CA HIS A 752 23.20 -8.33 -4.22
C HIS A 752 24.21 -7.76 -3.24
N CYS A 753 23.71 -7.23 -2.12
CA CYS A 753 24.56 -6.72 -1.05
C CYS A 753 25.24 -7.88 -0.33
N ASP A 754 26.53 -7.73 -0.09
CA ASP A 754 27.32 -8.79 0.52
C ASP A 754 26.89 -9.05 1.96
N ALA A 755 26.91 -10.33 2.34
CA ALA A 755 26.50 -10.79 3.67
C ALA A 755 27.39 -10.30 4.82
N VAL A 756 28.65 -9.97 4.53
CA VAL A 756 29.59 -9.54 5.57
C VAL A 756 29.70 -8.00 5.66
N THR A 757 29.77 -7.34 4.51
CA THR A 757 30.01 -5.89 4.47
C THR A 757 28.77 -5.04 4.19
N GLY A 758 27.75 -5.66 3.62
CA GLY A 758 26.55 -4.95 3.20
C GLY A 758 26.71 -4.16 1.90
N LEU A 759 27.92 -4.18 1.32
CA LEU A 759 28.19 -3.42 0.10
C LEU A 759 27.67 -4.13 -1.16
N GLY A 760 27.31 -3.33 -2.16
CA GLY A 760 26.85 -3.86 -3.43
C GLY A 760 26.14 -2.80 -4.26
N LYS A 761 25.50 -3.26 -5.33
CA LYS A 761 24.74 -2.37 -6.21
C LYS A 761 23.33 -2.93 -6.38
N PRO A 762 22.52 -2.86 -5.32
CA PRO A 762 21.24 -3.60 -5.25
C PRO A 762 20.18 -3.14 -6.25
N PHE A 763 20.21 -1.86 -6.61
CA PHE A 763 19.25 -1.33 -7.56
C PHE A 763 19.97 -0.49 -8.59
N VAL A 764 19.51 -0.53 -9.84
CA VAL A 764 20.10 0.31 -10.89
C VAL A 764 19.37 1.63 -11.03
N VAL A 765 18.18 1.70 -10.44
CA VAL A 765 17.36 2.91 -10.45
C VAL A 765 16.91 3.20 -9.02
N TYR A 766 17.11 4.44 -8.58
CA TYR A 766 16.60 4.91 -7.31
C TYR A 766 15.62 6.06 -7.52
N MET A 767 14.85 6.34 -6.49
CA MET A 767 13.93 7.48 -6.47
C MET A 767 14.49 8.50 -5.49
N TYR A 768 14.38 9.79 -5.82
CA TYR A 768 14.96 10.85 -4.99
C TYR A 768 13.93 11.94 -4.71
N GLY A 769 13.92 12.45 -3.48
CA GLY A 769 13.00 13.52 -3.11
C GLY A 769 13.39 14.38 -1.93
N VAL A 770 12.82 15.59 -1.87
CA VAL A 770 12.99 16.50 -0.74
C VAL A 770 11.61 16.92 -0.23
N PHE A 771 11.38 16.69 1.07
CA PHE A 771 10.10 16.97 1.73
C PHE A 771 10.15 18.28 2.50
N MET A 772 9.05 19.03 2.48
CA MET A 772 8.89 20.15 3.40
C MET A 772 7.53 20.09 4.09
N ALA A 773 7.53 20.07 5.42
CA ALA A 773 6.29 20.07 6.19
C ALA A 773 6.10 21.40 6.93
N GLU A 774 4.86 21.90 6.93
CA GLU A 774 4.49 23.12 7.65
C GLU A 774 3.40 22.79 8.65
N VAL A 775 3.69 22.97 9.93
CA VAL A 775 2.80 22.52 11.00
C VAL A 775 2.49 23.61 12.01
N THR A 776 1.37 23.43 12.71
CA THR A 776 0.98 24.26 13.84
C THR A 776 0.84 23.36 15.06
N VAL A 777 1.53 23.72 16.14
CA VAL A 777 1.43 22.97 17.39
C VAL A 777 0.68 23.80 18.42
N ASP A 778 -0.40 23.23 18.94
CA ASP A 778 -1.15 23.84 20.03
C ASP A 778 -0.47 23.40 21.33
N VAL A 779 0.20 24.35 21.98
CA VAL A 779 1.04 24.03 23.14
C VAL A 779 0.26 23.75 24.43
N ALA A 780 -1.03 24.04 24.43
CA ALA A 780 -1.90 23.68 25.54
C ALA A 780 -2.31 22.21 25.50
N THR A 781 -2.53 21.69 24.29
CA THR A 781 -2.97 20.29 24.09
C THR A 781 -1.89 19.38 23.51
N GLY A 782 -0.86 19.96 22.92
CA GLY A 782 0.17 19.19 22.24
C GLY A 782 -0.29 18.64 20.90
N GLN A 783 -1.44 19.13 20.42
CA GLN A 783 -1.99 18.67 19.15
C GLN A 783 -1.35 19.39 17.97
N THR A 784 -0.85 18.60 17.02
CA THR A 784 -0.20 19.08 15.81
C THR A 784 -1.18 19.05 14.66
N THR A 785 -1.21 20.13 13.91
CA THR A 785 -1.96 20.18 12.67
C THR A 785 -0.96 20.42 11.55
N VAL A 786 -0.98 19.57 10.54
CA VAL A 786 -0.13 19.74 9.37
C VAL A 786 -0.87 20.66 8.40
N ASP A 787 -0.29 21.84 8.14
CA ASP A 787 -0.95 22.86 7.33
C ASP A 787 -0.57 22.79 5.86
N GLY A 788 0.57 22.18 5.58
CA GLY A 788 1.07 22.03 4.22
C GLY A 788 2.17 21.00 4.12
N MET A 789 2.21 20.29 3.00
CA MET A 789 3.30 19.37 2.68
C MET A 789 3.79 19.64 1.27
N THR A 790 5.11 19.65 1.11
CA THR A 790 5.71 19.78 -0.22
C THR A 790 6.65 18.62 -0.52
N LEU A 791 6.57 18.09 -1.74
CA LEU A 791 7.57 17.14 -2.18
C LEU A 791 8.19 17.54 -3.51
N MET A 792 9.49 17.79 -3.47
CA MET A 792 10.33 17.87 -4.65
C MET A 792 10.62 16.44 -5.07
N ALA A 793 10.17 16.04 -6.26
CA ALA A 793 10.31 14.65 -6.70
C ALA A 793 11.05 14.49 -8.03
N ASP A 794 12.05 13.62 -8.03
CA ASP A 794 12.72 13.22 -9.26
C ASP A 794 12.25 11.81 -9.63
N LEU A 795 11.35 11.73 -10.61
CA LEU A 795 10.80 10.46 -11.07
C LEU A 795 11.31 10.12 -12.47
N GLY A 796 12.34 10.84 -12.92
CA GLY A 796 12.98 10.60 -14.20
C GLY A 796 12.17 11.09 -15.39
N SER A 797 10.97 10.52 -15.51
CA SER A 797 9.97 10.89 -16.51
C SER A 797 8.66 10.26 -16.07
N LEU A 798 7.56 10.98 -16.31
CA LEU A 798 6.26 10.48 -15.87
C LEU A 798 5.56 9.73 -16.98
N CYS A 799 5.20 8.49 -16.69
CA CYS A 799 4.27 7.74 -17.53
C CYS A 799 2.90 8.43 -17.53
N ASN A 800 2.38 8.72 -16.32
CA ASN A 800 1.07 9.38 -16.21
C ASN A 800 0.99 10.30 -14.98
N GLN A 801 0.62 11.56 -15.20
CA GLN A 801 0.59 12.56 -14.13
C GLN A 801 -0.50 12.32 -13.10
N LEU A 802 -1.68 11.91 -13.55
CA LEU A 802 -2.76 11.54 -12.64
C LEU A 802 -2.29 10.48 -11.65
N ALA A 803 -1.56 9.50 -12.16
CA ALA A 803 -1.04 8.40 -11.35
C ALA A 803 0.04 8.86 -10.36
N THR A 804 1.02 9.63 -10.84
CA THR A 804 2.14 10.07 -9.97
C THR A 804 1.70 11.10 -8.93
N ASP A 805 0.88 12.06 -9.35
CA ASP A 805 0.27 13.03 -8.41
C ASP A 805 -0.48 12.29 -7.32
N GLY A 806 -1.36 11.38 -7.71
CA GLY A 806 -2.14 10.59 -6.78
C GLY A 806 -1.28 9.77 -5.84
N GLN A 807 -0.27 9.10 -6.41
CA GLN A 807 0.72 8.36 -5.62
C GLN A 807 1.36 9.22 -4.54
N ILE A 808 1.88 10.37 -4.93
CA ILE A 808 2.54 11.25 -3.96
C ILE A 808 1.57 11.78 -2.90
N TYR A 809 0.42 12.30 -3.32
CA TYR A 809 -0.60 12.75 -2.37
C TYR A 809 -0.92 11.65 -1.36
N GLY A 810 -1.06 10.42 -1.86
CA GLY A 810 -1.39 9.27 -1.03
C GLY A 810 -0.34 8.93 0.01
N GLY A 811 0.92 8.95 -0.41
CA GLY A 811 2.03 8.66 0.49
C GLY A 811 2.27 9.74 1.53
N LEU A 812 2.03 11.01 1.15
CA LEU A 812 2.18 12.12 2.09
C LEU A 812 1.17 11.97 3.24
N ALA A 813 -0.09 11.68 2.90
CA ALA A 813 -1.14 11.41 3.91
C ALA A 813 -0.77 10.30 4.88
N GLN A 814 -0.17 9.23 4.36
CA GLN A 814 0.27 8.13 5.21
C GLN A 814 1.48 8.55 6.07
N GLY A 815 2.24 9.52 5.58
CA GLY A 815 3.29 10.14 6.37
C GLY A 815 2.75 10.94 7.55
N ILE A 816 1.61 11.60 7.35
CA ILE A 816 0.98 12.36 8.42
C ILE A 816 0.44 11.41 9.52
N GLY A 817 -0.23 10.33 9.11
CA GLY A 817 -0.65 9.27 10.00
C GLY A 817 0.50 8.65 10.77
N LEU A 818 1.56 8.25 10.06
CA LEU A 818 2.74 7.67 10.69
C LEU A 818 3.36 8.61 11.73
N ALA A 819 3.42 9.89 11.40
CA ALA A 819 4.02 10.89 12.29
C ALA A 819 3.19 11.15 13.54
N LEU A 820 1.87 11.27 13.38
CA LEU A 820 1.01 11.83 14.43
C LEU A 820 0.02 10.89 15.10
N SER A 821 -0.42 9.84 14.41
CA SER A 821 -1.62 9.14 14.88
C SER A 821 -1.63 7.62 14.77
N GLU A 822 -0.86 7.06 13.83
CA GLU A 822 -1.00 5.65 13.47
C GLU A 822 -0.11 4.71 14.26
N ASP A 823 -0.70 3.59 14.69
CA ASP A 823 0.03 2.50 15.35
C ASP A 823 -0.88 1.28 15.53
N PHE A 824 -0.28 0.09 15.58
CA PHE A 824 -0.96 -1.10 16.05
C PHE A 824 -0.14 -1.71 17.18
N GLU A 825 -0.43 -1.29 18.40
CA GLU A 825 0.27 -1.72 19.60
C GLU A 825 -0.67 -2.50 20.52
N ASP A 826 -1.87 -1.96 20.75
CA ASP A 826 -2.89 -2.63 21.55
C ASP A 826 -3.84 -3.40 20.63
N ILE A 827 -3.81 -4.73 20.79
CA ILE A 827 -4.55 -5.65 19.93
C ILE A 827 -6.03 -5.30 19.75
N LYS A 828 -6.68 -4.85 20.82
N LYS A 828 -6.68 -4.84 20.82
CA LYS A 828 -8.11 -4.54 20.80
CA LYS A 828 -8.11 -4.53 20.77
C LYS A 828 -8.42 -3.08 20.44
C LYS A 828 -8.39 -3.07 20.41
N LYS A 829 -7.69 -2.14 21.06
CA LYS A 829 -7.90 -0.69 20.86
C LYS A 829 -7.61 -0.21 19.43
N HIS A 830 -6.58 -0.78 18.81
CA HIS A 830 -6.14 -0.35 17.49
C HIS A 830 -6.71 -1.22 16.37
N ALA A 831 -7.81 -1.93 16.68
CA ALA A 831 -8.47 -2.79 15.70
C ALA A 831 -9.61 -2.09 14.92
N THR A 832 -9.73 -0.79 15.08
CA THR A 832 -10.67 0.01 14.27
C THR A 832 -9.89 1.07 13.51
N LEU A 833 -10.49 1.59 12.44
CA LEU A 833 -9.93 2.75 11.76
C LEU A 833 -9.66 3.90 12.75
N VAL A 834 -10.70 4.28 13.51
CA VAL A 834 -10.59 5.42 14.42
C VAL A 834 -9.64 5.15 15.59
N GLY A 835 -9.70 3.95 16.15
CA GLY A 835 -8.85 3.59 17.28
C GLY A 835 -7.37 3.62 16.93
N ALA A 836 -7.04 3.23 15.70
CA ALA A 836 -5.66 3.15 15.25
C ALA A 836 -5.17 4.46 14.61
N GLY A 837 -6.02 5.50 14.60
CA GLY A 837 -5.60 6.83 14.18
C GLY A 837 -5.52 7.04 12.68
N PHE A 838 -6.46 6.43 11.94
CA PHE A 838 -6.57 6.63 10.50
C PHE A 838 -6.82 8.11 10.20
N PRO A 839 -6.04 8.71 9.30
CA PRO A 839 -6.19 10.13 8.96
C PRO A 839 -7.43 10.42 8.11
N PHE A 840 -8.43 11.03 8.72
CA PHE A 840 -9.61 11.48 7.98
C PHE A 840 -9.28 12.81 7.32
N ILE A 841 -10.16 13.32 6.45
CA ILE A 841 -9.83 14.44 5.58
C ILE A 841 -9.22 15.69 6.26
N LYS A 842 -9.76 16.09 7.41
CA LYS A 842 -9.28 17.31 8.08
C LYS A 842 -7.87 17.20 8.63
N GLN A 843 -7.38 15.97 8.81
CA GLN A 843 -6.00 15.72 9.23
C GLN A 843 -5.01 15.88 8.08
N ILE A 844 -5.52 15.90 6.84
CA ILE A 844 -4.68 16.05 5.66
C ILE A 844 -4.91 17.44 5.07
N PRO A 845 -3.86 18.26 4.98
CA PRO A 845 -4.03 19.62 4.45
C PRO A 845 -4.40 19.59 2.98
N ASP A 846 -5.21 20.57 2.58
CA ASP A 846 -5.50 20.81 1.17
C ASP A 846 -4.24 21.20 0.41
N LYS A 847 -3.34 21.87 1.11
CA LYS A 847 -2.06 22.32 0.55
C LYS A 847 -1.07 21.16 0.45
N LEU A 848 -1.21 20.38 -0.62
CA LEU A 848 -0.23 19.34 -0.96
C LEU A 848 0.44 19.73 -2.26
N ASP A 849 1.73 20.03 -2.20
CA ASP A 849 2.47 20.56 -3.35
C ASP A 849 3.54 19.61 -3.88
N ILE A 850 3.53 19.39 -5.18
CA ILE A 850 4.52 18.57 -5.84
C ILE A 850 5.33 19.45 -6.80
N VAL A 851 6.65 19.32 -6.75
CA VAL A 851 7.49 19.86 -7.80
C VAL A 851 8.31 18.74 -8.41
N TYR A 852 8.08 18.49 -9.69
CA TYR A 852 8.82 17.47 -10.41
C TYR A 852 10.11 18.07 -10.92
N VAL A 853 11.22 17.44 -10.53
CA VAL A 853 12.55 17.82 -10.98
C VAL A 853 13.18 16.55 -11.56
N ASN A 854 12.72 16.20 -12.75
CA ASN A 854 13.00 14.90 -13.34
C ASN A 854 14.35 14.85 -14.05
N HIS A 855 15.18 13.89 -13.61
CA HIS A 855 16.47 13.62 -14.23
C HIS A 855 16.34 12.22 -14.85
N PRO A 856 16.08 12.15 -16.16
CA PRO A 856 15.86 10.86 -16.84
C PRO A 856 16.88 9.77 -16.46
N ARG A 857 16.38 8.60 -16.09
CA ARG A 857 17.24 7.49 -15.65
C ARG A 857 17.79 6.74 -16.86
N PRO A 858 19.10 6.46 -16.88
CA PRO A 858 19.72 5.67 -17.97
C PRO A 858 19.01 4.33 -18.20
N ASP A 859 18.70 3.62 -17.12
CA ASP A 859 18.10 2.28 -17.21
C ASP A 859 16.57 2.25 -17.19
N GLY A 860 15.93 3.40 -16.93
CA GLY A 860 14.48 3.47 -16.88
C GLY A 860 13.83 3.58 -18.26
N PRO A 861 12.62 3.02 -18.40
CA PRO A 861 11.88 3.09 -19.66
C PRO A 861 11.48 4.53 -19.98
N PHE A 862 12.05 5.06 -21.07
CA PHE A 862 11.90 6.46 -21.45
C PHE A 862 12.38 7.43 -20.36
N GLY A 863 13.22 6.93 -19.47
CA GLY A 863 13.78 7.73 -18.40
C GLY A 863 13.16 7.55 -17.01
N ALA A 864 12.09 6.77 -16.91
CA ALA A 864 11.29 6.67 -15.68
C ALA A 864 11.95 5.89 -14.55
N SER A 865 11.82 6.41 -13.33
CA SER A 865 12.01 5.60 -12.13
C SER A 865 10.62 5.17 -11.66
N GLY A 866 10.52 4.42 -10.57
CA GLY A 866 9.23 4.22 -9.93
C GLY A 866 8.82 5.46 -9.14
N VAL A 867 7.69 5.38 -8.44
CA VAL A 867 7.21 6.46 -7.59
C VAL A 867 6.56 5.94 -6.31
N GLY A 868 6.06 4.70 -6.37
CA GLY A 868 5.25 4.11 -5.32
C GLY A 868 5.59 4.48 -3.89
N GLU A 869 6.82 4.17 -3.47
CA GLU A 869 7.20 4.31 -2.06
C GLU A 869 7.97 5.60 -1.71
N LEU A 870 8.34 6.39 -2.71
CA LEU A 870 9.04 7.64 -2.47
C LEU A 870 8.34 8.59 -1.47
N PRO A 871 7.05 8.88 -1.65
CA PRO A 871 6.38 9.84 -0.75
C PRO A 871 6.25 9.35 0.69
N LEU A 872 6.69 8.13 1.00
CA LEU A 872 6.59 7.62 2.37
C LEU A 872 7.96 7.34 2.99
N THR A 873 9.03 7.61 2.24
CA THR A 873 10.38 7.41 2.76
C THR A 873 10.65 8.21 4.04
N SER A 874 10.40 9.52 4.00
CA SER A 874 10.63 10.34 5.20
C SER A 874 9.72 11.55 5.45
N PRO A 875 8.47 11.55 4.98
CA PRO A 875 7.59 12.70 5.22
C PRO A 875 7.36 12.91 6.72
N HIS A 876 7.38 11.81 7.48
CA HIS A 876 7.21 11.82 8.93
C HIS A 876 8.41 12.42 9.66
N ALA A 877 9.59 12.33 9.06
CA ALA A 877 10.77 13.02 9.56
C ALA A 877 10.65 14.55 9.40
N ALA A 878 10.22 14.98 8.22
CA ALA A 878 9.96 16.40 7.96
C ALA A 878 8.91 16.94 8.93
N ILE A 879 7.85 16.16 9.18
CA ILE A 879 6.83 16.59 10.13
C ILE A 879 7.41 16.73 11.54
N ILE A 880 8.19 15.73 11.98
CA ILE A 880 8.78 15.79 13.32
C ILE A 880 9.82 16.90 13.45
N ASN A 881 10.57 17.13 12.35
CA ASN A 881 11.50 18.26 12.29
C ASN A 881 10.75 19.60 12.38
N ALA A 882 9.56 19.66 11.78
CA ALA A 882 8.72 20.85 11.85
C ALA A 882 8.18 21.10 13.27
N ILE A 883 7.84 20.04 14.00
CA ILE A 883 7.38 20.19 15.38
C ILE A 883 8.51 20.76 16.23
N LYS A 884 9.72 20.24 16.01
CA LYS A 884 10.91 20.72 16.69
C LYS A 884 11.18 22.20 16.36
N SER A 885 11.06 22.56 15.09
CA SER A 885 11.23 23.95 14.67
C SER A 885 10.16 24.88 15.29
N ALA A 886 8.94 24.37 15.45
CA ALA A 886 7.87 25.14 16.06
C ALA A 886 8.04 25.38 17.56
N THR A 887 8.54 24.38 18.28
CA THR A 887 8.45 24.37 19.75
C THR A 887 9.71 24.01 20.51
N GLY A 888 10.76 23.61 19.81
CA GLY A 888 11.98 23.18 20.46
C GLY A 888 11.97 21.75 20.96
N VAL A 889 10.84 21.06 20.88
CA VAL A 889 10.78 19.68 21.33
C VAL A 889 10.90 18.66 20.19
N ARG A 890 11.74 17.66 20.42
CA ARG A 890 11.91 16.57 19.47
C ARG A 890 11.22 15.30 19.95
N ILE A 891 10.29 14.79 19.14
CA ILE A 891 9.75 13.44 19.35
C ILE A 891 10.66 12.38 18.68
N TYR A 892 11.21 11.50 19.51
CA TYR A 892 12.11 10.45 19.06
C TYR A 892 11.37 9.16 18.72
N ARG A 893 10.22 8.97 19.36
CA ARG A 893 9.44 7.76 19.23
C ARG A 893 8.07 8.06 18.67
N LEU A 894 7.84 7.58 17.45
CA LEU A 894 6.57 7.79 16.76
C LEU A 894 5.49 6.88 17.34
N PRO A 895 4.23 7.31 17.32
CA PRO A 895 3.83 8.62 16.77
C PRO A 895 3.87 9.73 17.82
N ALA A 896 3.81 10.98 17.35
CA ALA A 896 3.80 12.14 18.23
C ALA A 896 2.38 12.39 18.75
N TYR A 897 1.91 11.50 19.62
CA TYR A 897 0.63 11.70 20.32
C TYR A 897 0.61 13.04 21.05
N PRO A 898 -0.56 13.70 21.08
CA PRO A 898 -0.71 14.97 21.81
C PRO A 898 -0.20 14.91 23.26
N GLU A 899 -0.57 13.88 24.03
CA GLU A 899 -0.09 13.77 25.39
C GLU A 899 1.43 13.70 25.43
N LYS A 900 1.99 12.85 24.56
CA LYS A 900 3.43 12.67 24.42
C LYS A 900 4.13 14.01 24.13
N VAL A 901 3.60 14.76 23.16
CA VAL A 901 4.09 16.09 22.84
C VAL A 901 3.96 17.04 24.05
N LEU A 902 2.78 17.04 24.70
CA LEU A 902 2.57 17.83 25.92
C LEU A 902 3.61 17.54 26.99
N GLU A 903 3.90 16.26 27.21
CA GLU A 903 4.86 15.85 28.22
C GLU A 903 6.26 16.41 27.94
N ALA A 904 6.64 16.43 26.65
CA ALA A 904 7.92 17.00 26.23
C ALA A 904 7.91 18.51 26.34
N LEU A 905 6.80 19.12 25.96
CA LEU A 905 6.60 20.57 26.03
C LEU A 905 6.80 21.11 27.45
N LYS A 906 6.39 20.32 28.45
CA LYS A 906 6.36 20.79 29.84
C LYS A 906 7.49 20.23 30.70
N ALA A 907 8.38 19.45 30.08
CA ALA A 907 9.51 18.84 30.77
C ALA A 907 10.41 19.88 31.45
CL CL B . 8.28 -2.11 6.62
CL CL C . 9.90 10.59 22.25
CL CL D . -2.96 11.58 23.34
MG MG E . 1.17 12.08 30.91
MG MG F . 33.48 15.01 -1.55
N1 PCD G . 4.25 5.71 -12.56
C2 PCD G . 4.34 6.76 -13.51
N3 PCD G . 5.53 7.36 -13.76
C4 PCD G . 6.65 6.96 -13.11
C5 PCD G . 6.57 5.93 -12.18
C6 PCD G . 5.37 5.31 -11.91
O2 PCD G . 3.33 7.17 -14.12
N4 PCD G . 7.83 7.55 -13.38
C1' PCD G . 2.97 5.06 -12.26
C2D PCD G . 2.98 3.59 -12.66
O2' PCD G . 2.50 3.43 -13.97
C3' PCD G . 2.08 2.94 -11.61
C4D PCD G . 2.28 3.80 -10.38
O4D PCD G . 2.75 5.07 -10.85
O3' PCD G . 0.73 3.07 -12.02
C5' PCD G . 3.31 3.19 -9.42
O5' PCD G . 4.38 2.58 -10.16
PA PCD G . 5.64 1.95 -9.39
O1A PCD G . 6.60 1.20 -10.40
O2A PCD G . 6.42 3.05 -8.56
O3A PCD G . 4.96 0.98 -8.29
PB PCD G . 4.28 -0.46 -8.54
O1B PCD G . 5.44 -1.52 -8.47
O2B PCD G . 3.39 -0.51 -9.85
O3B PCD G . 3.33 -0.56 -7.24
C10 PCD G . 3.88 -0.89 -5.96
C9' PCD G . 3.91 0.28 -4.98
C8' PCD G . 4.11 -0.31 -3.62
S8' PCD G . 5.44 -1.32 -3.42
C7' PCD G . 3.26 -0.07 -2.60
S7' PCD G . 3.47 -0.75 -1.08
C6' PCD G . 2.09 0.87 -2.74
C7 PCD G . 2.30 1.76 -3.99
O9' PCD G . 2.67 0.98 -5.11
N5' PCD G . 0.75 0.30 -2.63
C4A PCD G . -0.31 1.02 -3.09
N8' PCD G . 1.13 2.57 -4.30
C4B PCD G . -0.11 2.20 -3.96
N1' PCD G . -1.19 2.89 -4.40
C2' PCD G . -2.45 2.52 -4.07
N2' PCD G . -3.49 3.24 -4.55
N3' PCD G . -2.70 1.45 -3.28
C4' PCD G . -1.70 0.69 -2.77
O4' PCD G . -1.97 -0.34 -1.99
MO PCD G . 5.13 -2.34 -1.34
OR1 PCD G . 5.45 -2.44 0.33
OM1 PCD G . 4.13 -3.63 -1.82
AS AST H . 8.14 -3.60 -0.62
O1 AST H . 6.80 -3.31 -1.62
O2 AST H . 9.36 -2.47 -0.94
O3 AST H . 8.74 -5.15 -0.94
FE1 FES I . -8.39 3.69 -2.65
FE2 FES I . -9.85 5.82 -1.97
S1 FES I . -9.12 5.31 -3.99
S2 FES I . -9.37 4.09 -0.73
FE1 FES J . -17.34 1.65 6.62
FE2 FES J . -20.11 1.49 6.40
S1 FES J . -18.87 3.15 7.17
S2 FES J . -18.58 0.13 5.59
#